data_5TA1
#
_entry.id   5TA1
#
_cell.length_a   167.660
_cell.length_b   167.660
_cell.length_c   167.660
_cell.angle_alpha   90.000
_cell.angle_beta   90.000
_cell.angle_gamma   90.000
#
_symmetry.space_group_name_H-M   'I 2 3'
#
loop_
_entity.id
_entity.type
_entity.pdbx_description
1 polymer 'Glycoside Hydrolase'
2 non-polymer 'CALCIUM ION'
3 non-polymer GLYCEROL
4 non-polymer 1,2-ETHANEDIOL
5 water water
#
_entity_poly.entity_id   1
_entity_poly.type   'polypeptide(L)'
_entity_poly.pdbx_seq_one_letter_code
;MGSSHHHHHHSSGLVPRGSHMASQTHVQLNLNVKHKLGDVTEFNRPKFINFHATINENYWDSANKIADLRDDLIRKYDVY
VGRETGMIKTVLRNVKEDPERPGFADPDDLARLCSQNKKRYVQNTKVHPYEKYSNLILCNQFSPFYPDGTKTLKGWALSQ
KDTEDEPFGTASGEFYGRYIKEYFGEGGESGEPKPGFCEVINEPLWDIYDKPKAPKSSITKLFEFHSTIAAQVKKFNPDM
KVGGYCTAFPDFELQNFGRWNARWKQFIDIAGKDMDFFTIHLYDFPCKDGKQMYRKGSNMEATMDMIEQYSMIKLGEVKP
LMISEYSAQTHDYNRKPWSPYRDWLRLKSTNSMLMQFMERTDNICYAMPFAMLKSEWGYNPKTGLAHTARMLRRENEPES
FTGEYVYSELIKFYQLWKDVKGTRVETNCDNPDIMCDAYVDGKNVYFIINNLDFKPVDLNLSVNGTSKDAKSIEVRHLYL
KGGKDGVPILDVYDAKSLDHFTLETEATCVICYNFDRKVKINETMEEVKYYATDYLKEIAAGKELVFNINNVKKTEYGEA
VIRLGLGRNHGLSLLPELLVNGKKVDIPDNFRGDVQKDRASFFGVIEVPVDYSILKGNNTISLKFPDNGGHVSTVTMQIF
NFSNNIRGI
;
_entity_poly.pdbx_strand_id   A
#
loop_
_chem_comp.id
_chem_comp.type
_chem_comp.name
_chem_comp.formula
CA non-polymer 'CALCIUM ION' 'Ca 2'
EDO non-polymer 1,2-ETHANEDIOL 'C2 H6 O2'
GOL non-polymer GLYCEROL 'C3 H8 O3'
#
# COMPACT_ATOMS: atom_id res chain seq x y z
N SER A 23 -5.66 -32.21 1.67
CA SER A 23 -4.18 -32.11 1.47
C SER A 23 -3.53 -31.30 2.60
N GLN A 24 -2.21 -31.14 2.52
CA GLN A 24 -1.47 -30.15 3.32
C GLN A 24 -0.63 -29.30 2.38
N THR A 25 -0.23 -28.15 2.86
CA THR A 25 0.48 -27.18 2.05
C THR A 25 1.98 -27.37 2.19
N HIS A 26 2.68 -27.43 1.05
N HIS A 26 2.69 -27.47 1.05
CA HIS A 26 4.13 -27.44 1.01
CA HIS A 26 4.15 -27.45 1.01
C HIS A 26 4.65 -26.04 0.70
C HIS A 26 4.62 -26.02 0.74
N VAL A 27 5.59 -25.57 1.52
CA VAL A 27 6.22 -24.26 1.34
C VAL A 27 7.71 -24.50 1.27
N GLN A 28 8.34 -23.94 0.26
CA GLN A 28 9.72 -24.21 -0.06
C GLN A 28 10.50 -22.89 -0.10
N LEU A 29 11.64 -22.88 0.57
CA LEU A 29 12.55 -21.75 0.61
C LEU A 29 13.85 -22.17 -0.05
N ASN A 30 14.27 -21.45 -1.09
CA ASN A 30 15.54 -21.69 -1.77
C ASN A 30 16.52 -20.54 -1.53
N LEU A 31 17.21 -20.61 -0.39
CA LEU A 31 17.95 -19.49 0.16
C LEU A 31 19.25 -19.17 -0.60
N ASN A 32 19.62 -20.02 -1.55
CA ASN A 32 20.71 -19.76 -2.47
C ASN A 32 20.29 -19.11 -3.79
N VAL A 33 18.99 -18.93 -3.98
CA VAL A 33 18.45 -18.30 -5.21
C VAL A 33 17.91 -16.89 -4.93
N LYS A 34 18.65 -15.88 -5.38
CA LYS A 34 18.23 -14.50 -5.33
C LYS A 34 16.98 -14.28 -6.19
N HIS A 35 16.00 -13.54 -5.64
CA HIS A 35 14.79 -13.16 -6.36
C HIS A 35 14.95 -11.68 -6.74
N LYS A 36 15.22 -11.44 -8.00
CA LYS A 36 15.43 -10.13 -8.53
C LYS A 36 14.14 -9.67 -9.24
N LEU A 37 13.68 -8.46 -8.94
CA LEU A 37 12.54 -7.84 -9.63
C LEU A 37 12.92 -6.42 -10.02
N GLY A 38 13.04 -6.17 -11.31
CA GLY A 38 13.56 -4.88 -11.78
C GLY A 38 14.94 -4.67 -11.19
N ASP A 39 15.17 -3.50 -10.59
CA ASP A 39 16.43 -3.20 -9.89
C ASP A 39 16.43 -3.58 -8.41
N VAL A 40 15.31 -4.13 -7.91
CA VAL A 40 15.19 -4.44 -6.51
C VAL A 40 15.57 -5.89 -6.20
N THR A 41 16.49 -6.06 -5.26
CA THR A 41 16.92 -7.36 -4.77
C THR A 41 16.89 -7.46 -3.25
N GLU A 42 16.41 -6.42 -2.56
CA GLU A 42 16.51 -6.29 -1.11
C GLU A 42 15.23 -5.76 -0.49
N PHE A 43 15.00 -6.12 0.77
CA PHE A 43 13.93 -5.57 1.54
C PHE A 43 14.20 -4.09 1.86
N ASN A 44 13.18 -3.26 1.70
CA ASN A 44 13.34 -1.82 1.86
C ASN A 44 12.54 -1.46 3.07
N ARG A 45 13.21 -1.44 4.22
CA ARG A 45 12.54 -1.16 5.45
C ARG A 45 11.83 0.22 5.49
N PRO A 46 12.50 1.31 5.05
CA PRO A 46 11.81 2.62 5.02
C PRO A 46 10.52 2.64 4.16
N LYS A 47 10.56 1.99 3.02
CA LYS A 47 9.41 1.86 2.16
C LYS A 47 8.20 1.17 2.83
N PHE A 48 8.45 0.21 3.73
CA PHE A 48 7.43 -0.72 4.21
C PHE A 48 7.18 -0.74 5.71
N ILE A 49 8.24 -0.70 6.53
CA ILE A 49 8.08 -0.73 7.98
C ILE A 49 8.03 0.71 8.49
N ASN A 50 6.83 1.27 8.46
CA ASN A 50 6.65 2.66 8.77
C ASN A 50 5.23 2.91 9.32
N PHE A 51 4.97 4.17 9.71
CA PHE A 51 3.61 4.57 10.12
C PHE A 51 3.35 6.05 9.90
N HIS A 52 2.09 6.45 10.09
CA HIS A 52 1.58 7.76 9.70
C HIS A 52 1.80 8.78 10.80
N ALA A 53 3.04 9.24 10.92
CA ALA A 53 3.43 10.10 12.00
C ALA A 53 4.59 10.99 11.55
N THR A 54 5.11 11.77 12.48
CA THR A 54 6.33 12.54 12.23
C THR A 54 7.15 12.52 13.50
N ILE A 55 8.43 12.79 13.32
CA ILE A 55 9.36 12.82 14.46
C ILE A 55 9.13 14.02 15.39
N ASN A 56 8.54 15.09 14.86
CA ASN A 56 8.32 16.32 15.63
C ASN A 56 6.87 16.57 16.12
N GLU A 57 6.03 15.53 16.14
CA GLU A 57 4.75 15.60 16.86
C GLU A 57 4.96 15.89 18.35
N ASN A 58 4.06 16.69 18.92
CA ASN A 58 4.11 17.03 20.37
C ASN A 58 3.92 15.82 21.28
N TYR A 59 3.11 14.88 20.80
CA TYR A 59 2.73 13.69 21.55
C TYR A 59 3.90 12.83 22.10
N TRP A 60 5.09 12.88 21.49
CA TRP A 60 6.19 11.96 21.81
C TRP A 60 6.70 12.04 23.26
N ASP A 61 6.68 13.25 23.82
CA ASP A 61 7.41 13.57 25.06
C ASP A 61 6.55 13.82 26.32
N SER A 62 5.28 13.42 26.31
CA SER A 62 4.45 13.59 27.50
C SER A 62 3.34 12.55 27.58
N ALA A 63 2.94 12.24 28.81
CA ALA A 63 1.84 11.34 29.15
C ALA A 63 2.10 9.84 28.90
N ASN A 64 3.33 9.47 28.55
CA ASN A 64 3.67 8.09 28.16
C ASN A 64 4.35 7.32 29.29
N LYS A 65 4.03 6.03 29.42
CA LYS A 65 4.71 5.20 30.43
C LYS A 65 6.22 5.12 30.13
N ILE A 66 6.58 5.01 28.87
CA ILE A 66 7.98 4.94 28.44
C ILE A 66 8.59 6.34 28.36
N ALA A 67 9.80 6.49 28.93
CA ALA A 67 10.46 7.79 29.08
C ALA A 67 10.97 8.38 27.75
N ASP A 68 11.63 7.55 26.92
CA ASP A 68 12.16 8.02 25.62
C ASP A 68 11.49 7.19 24.51
N LEU A 69 10.28 7.59 24.14
CA LEU A 69 9.44 6.79 23.27
C LEU A 69 10.02 6.69 21.88
N ARG A 70 10.59 7.79 21.38
CA ARG A 70 11.31 7.77 20.11
C ARG A 70 12.41 6.71 20.13
N ASP A 71 13.18 6.63 21.22
CA ASP A 71 14.24 5.62 21.30
C ASP A 71 13.68 4.20 21.21
N ASP A 72 12.55 3.96 21.85
CA ASP A 72 11.91 2.65 21.84
C ASP A 72 11.24 2.34 20.49
N LEU A 73 10.40 3.24 19.98
CA LEU A 73 9.60 2.92 18.81
C LEU A 73 10.37 3.08 17.50
N ILE A 74 11.04 4.21 17.32
CA ILE A 74 11.75 4.49 16.06
C ILE A 74 13.08 3.74 15.97
N ARG A 75 13.97 3.94 16.95
CA ARG A 75 15.33 3.38 16.88
C ARG A 75 15.38 1.87 17.18
N LYS A 76 14.74 1.43 18.26
CA LYS A 76 14.89 0.05 18.71
C LYS A 76 14.21 -0.93 17.76
N TYR A 77 13.00 -0.61 17.33
CA TYR A 77 12.28 -1.43 16.36
C TYR A 77 12.69 -1.15 14.91
N ASP A 78 13.39 -0.04 14.67
CA ASP A 78 13.80 0.39 13.33
C ASP A 78 12.60 0.68 12.45
N VAL A 79 11.83 1.68 12.87
CA VAL A 79 10.56 2.04 12.23
C VAL A 79 10.68 3.43 11.63
N TYR A 80 10.14 3.61 10.42
CA TYR A 80 10.28 4.85 9.65
C TYR A 80 8.95 5.64 9.63
N VAL A 81 9.05 6.90 9.25
CA VAL A 81 7.92 7.83 9.12
C VAL A 81 8.19 8.60 7.83
N GLY A 82 7.22 9.33 7.28
CA GLY A 82 5.85 9.42 7.75
C GLY A 82 5.01 10.25 6.78
N ARG A 83 3.88 10.74 7.28
CA ARG A 83 2.94 11.51 6.50
C ARG A 83 2.26 12.54 7.42
N GLU A 84 1.95 13.72 6.88
CA GLU A 84 1.45 14.80 7.73
C GLU A 84 0.67 15.82 6.91
N THR A 85 -0.58 16.06 7.32
CA THR A 85 -1.46 17.05 6.70
C THR A 85 -1.84 18.24 7.60
N GLY A 86 -1.67 18.12 8.91
CA GLY A 86 -2.13 19.12 9.86
C GLY A 86 -1.49 20.49 9.81
N MET A 87 -0.15 20.53 9.82
CA MET A 87 0.62 21.78 9.85
C MET A 87 0.34 22.66 8.63
N ILE A 88 0.29 22.07 7.44
CA ILE A 88 -0.02 22.85 6.23
C ILE A 88 -1.47 23.34 6.28
N LYS A 89 -2.39 22.54 6.81
CA LYS A 89 -3.78 22.98 6.97
C LYS A 89 -3.87 24.22 7.89
N THR A 90 -3.19 24.15 9.04
CA THR A 90 -3.21 25.26 9.98
C THR A 90 -2.70 26.58 9.33
N VAL A 91 -1.56 26.51 8.64
CA VAL A 91 -1.00 27.70 7.97
C VAL A 91 -1.99 28.27 6.96
N LEU A 92 -2.57 27.39 6.13
CA LEU A 92 -3.55 27.82 5.13
C LEU A 92 -4.76 28.53 5.75
N ARG A 93 -5.28 27.99 6.85
CA ARG A 93 -6.48 28.50 7.47
C ARG A 93 -6.27 29.85 8.19
N ASN A 94 -5.01 30.18 8.52
CA ASN A 94 -4.67 31.39 9.24
C ASN A 94 -3.82 32.41 8.46
N VAL A 95 -3.54 32.14 7.19
CA VAL A 95 -2.73 33.06 6.36
C VAL A 95 -3.60 34.21 5.81
N LYS A 96 -3.03 35.42 5.79
CA LYS A 96 -3.74 36.61 5.28
C LYS A 96 -3.95 36.50 3.77
N GLU A 97 -5.10 36.98 3.29
CA GLU A 97 -5.37 37.08 1.86
C GLU A 97 -4.41 38.09 1.22
N ASP A 98 -4.08 37.89 -0.07
CA ASP A 98 -3.22 38.82 -0.81
C ASP A 98 -4.03 40.10 -1.09
N PRO A 99 -3.51 41.27 -0.63
CA PRO A 99 -4.23 42.51 -0.93
C PRO A 99 -4.29 42.82 -2.43
N GLU A 100 -3.16 42.62 -3.13
CA GLU A 100 -3.09 42.82 -4.59
C GLU A 100 -3.87 41.79 -5.44
N ARG A 101 -4.25 40.63 -4.88
CA ARG A 101 -5.04 39.59 -5.60
C ARG A 101 -6.04 38.86 -4.70
N PRO A 102 -7.35 38.96 -5.00
CA PRO A 102 -8.33 38.22 -4.20
C PRO A 102 -8.32 36.72 -4.51
N GLY A 103 -8.48 35.90 -3.47
CA GLY A 103 -8.47 34.45 -3.60
C GLY A 103 -7.10 33.77 -3.53
N PHE A 104 -6.04 34.54 -3.31
CA PHE A 104 -4.67 34.06 -3.20
C PHE A 104 -4.19 34.32 -1.77
N ALA A 105 -3.25 33.51 -1.31
CA ALA A 105 -2.57 33.75 -0.05
C ALA A 105 -1.54 34.84 -0.24
N ASP A 106 -1.31 35.63 0.80
CA ASP A 106 -0.33 36.70 0.75
C ASP A 106 1.08 36.13 0.88
N PRO A 107 1.95 36.38 -0.13
CA PRO A 107 3.33 35.91 -0.07
C PRO A 107 4.15 36.28 1.18
N ASP A 108 3.95 37.48 1.71
CA ASP A 108 4.75 37.97 2.85
C ASP A 108 4.29 37.34 4.16
N ASP A 109 2.98 37.22 4.32
CA ASP A 109 2.39 36.60 5.52
C ASP A 109 2.60 35.07 5.53
N LEU A 110 2.46 34.45 4.37
CA LEU A 110 2.80 33.03 4.20
C LEU A 110 4.23 32.77 4.63
N ALA A 111 5.15 33.59 4.15
CA ALA A 111 6.56 33.47 4.53
C ALA A 111 6.74 33.67 6.02
N ARG A 112 5.91 34.53 6.59
CA ARG A 112 5.97 34.85 8.03
C ARG A 112 5.59 33.62 8.86
N LEU A 113 4.38 33.11 8.65
CA LEU A 113 3.88 31.91 9.34
C LEU A 113 4.79 30.70 9.15
N CYS A 114 5.20 30.45 7.90
CA CYS A 114 6.14 29.36 7.59
C CYS A 114 7.43 29.53 8.34
N SER A 115 7.91 30.77 8.42
CA SER A 115 9.14 31.09 9.14
C SER A 115 9.01 30.91 10.66
N GLN A 116 7.81 31.16 11.21
CA GLN A 116 7.56 30.85 12.65
C GLN A 116 7.74 29.35 12.91
N ASN A 117 7.10 28.52 12.09
CA ASN A 117 7.20 27.05 12.19
C ASN A 117 8.64 26.55 12.02
N LYS A 118 9.32 27.08 11.01
CA LYS A 118 10.72 26.74 10.76
C LYS A 118 11.56 26.96 12.01
N LYS A 119 11.44 28.14 12.60
CA LYS A 119 12.22 28.51 13.77
C LYS A 119 11.94 27.53 14.92
N ARG A 120 10.67 27.18 15.11
CA ARG A 120 10.28 26.17 16.09
C ARG A 120 10.92 24.82 15.79
N TYR A 121 10.93 24.39 14.52
CA TYR A 121 11.68 23.18 14.14
C TYR A 121 13.16 23.33 14.41
N VAL A 122 13.71 24.50 14.10
CA VAL A 122 15.16 24.75 14.30
C VAL A 122 15.54 24.59 15.78
N GLN A 123 14.66 25.05 16.66
CA GLN A 123 14.92 24.99 18.11
C GLN A 123 14.70 23.59 18.70
N ASN A 124 13.98 22.73 17.99
CA ASN A 124 13.59 21.40 18.48
C ASN A 124 14.71 20.37 18.26
N THR A 125 15.82 20.53 18.99
CA THR A 125 17.05 19.75 18.77
C THR A 125 16.97 18.29 19.19
N LYS A 126 16.08 17.96 20.13
CA LYS A 126 15.83 16.57 20.50
C LYS A 126 15.46 15.67 19.25
N VAL A 127 14.80 16.24 18.24
CA VAL A 127 14.32 15.44 17.12
C VAL A 127 15.29 15.35 15.94
N HIS A 128 16.30 16.23 15.90
CA HIS A 128 17.17 16.29 14.71
C HIS A 128 17.94 15.01 14.43
N PRO A 129 18.36 14.28 15.47
CA PRO A 129 18.97 12.97 15.23
C PRO A 129 18.01 11.87 14.67
N TYR A 130 16.69 12.13 14.64
CA TYR A 130 15.71 11.17 14.12
C TYR A 130 15.33 11.42 12.66
N GLU A 131 15.88 12.46 12.04
CA GLU A 131 15.62 12.81 10.64
C GLU A 131 15.95 11.72 9.61
N LYS A 132 16.96 10.91 9.93
CA LYS A 132 17.36 9.76 9.12
C LYS A 132 16.27 8.65 9.10
N TYR A 133 15.33 8.70 10.04
CA TYR A 133 14.19 7.80 10.00
C TYR A 133 12.99 8.37 9.26
N SER A 134 13.14 9.57 8.67
CA SER A 134 12.02 10.33 8.18
C SER A 134 12.12 10.60 6.70
N ASN A 135 11.06 10.27 5.97
CA ASN A 135 10.91 10.70 4.60
C ASN A 135 9.45 11.08 4.40
N LEU A 136 9.19 12.38 4.43
CA LEU A 136 7.83 12.88 4.58
C LEU A 136 7.03 12.81 3.30
N ILE A 137 5.82 12.26 3.43
CA ILE A 137 4.77 12.41 2.43
C ILE A 137 3.95 13.59 2.91
N LEU A 138 3.93 14.66 2.13
CA LEU A 138 3.14 15.85 2.44
C LEU A 138 1.88 15.72 1.63
N CYS A 139 0.77 16.20 2.18
CA CYS A 139 -0.52 16.18 1.50
C CYS A 139 -1.44 17.25 2.08
N ASN A 140 -2.41 17.69 1.29
CA ASN A 140 -3.46 18.60 1.75
C ASN A 140 -4.71 17.82 2.02
N GLN A 141 -5.30 18.05 3.19
CA GLN A 141 -6.71 17.69 3.41
C GLN A 141 -7.59 18.45 2.42
N PHE A 142 -8.72 17.87 2.12
CA PHE A 142 -9.59 18.38 1.08
C PHE A 142 -9.89 19.89 1.17
N SER A 143 -10.29 20.36 2.36
CA SER A 143 -10.68 21.76 2.51
C SER A 143 -9.87 22.41 3.61
N PRO A 144 -9.62 23.72 3.51
CA PRO A 144 -10.12 24.60 2.44
C PRO A 144 -9.33 24.58 1.10
N PHE A 145 -8.34 23.69 0.95
CA PHE A 145 -7.40 23.69 -0.19
C PHE A 145 -8.08 23.55 -1.56
N TYR A 146 -9.07 22.69 -1.67
CA TYR A 146 -9.80 22.56 -2.93
C TYR A 146 -10.62 23.85 -3.10
N PRO A 147 -10.56 24.49 -4.28
CA PRO A 147 -11.27 25.74 -4.41
C PRO A 147 -12.76 25.52 -4.73
N ASP A 148 -13.55 25.24 -3.69
CA ASP A 148 -15.01 25.09 -3.79
C ASP A 148 -15.76 26.23 -3.06
N GLY A 149 -15.02 27.26 -2.64
CA GLY A 149 -15.59 28.43 -1.97
C GLY A 149 -15.51 28.40 -0.45
N THR A 150 -15.20 27.24 0.15
CA THR A 150 -15.04 27.13 1.62
C THR A 150 -14.10 28.17 2.18
N LYS A 151 -14.57 28.95 3.16
CA LYS A 151 -13.79 30.05 3.70
C LYS A 151 -12.77 29.54 4.69
N THR A 152 -11.62 30.22 4.75
CA THR A 152 -10.63 29.99 5.78
C THR A 152 -11.09 30.67 7.08
N LEU A 153 -10.32 30.50 8.16
CA LEU A 153 -10.62 31.20 9.42
C LEU A 153 -10.38 32.72 9.33
N LYS A 154 -9.60 33.16 8.34
CA LYS A 154 -9.40 34.57 8.08
C LYS A 154 -10.50 35.17 7.16
N GLY A 155 -11.54 34.41 6.85
CA GLY A 155 -12.75 34.93 6.20
C GLY A 155 -12.71 35.08 4.68
N TRP A 156 -11.96 34.19 4.00
CA TRP A 156 -11.81 34.23 2.53
C TRP A 156 -11.56 32.85 1.91
N ALA A 157 -12.10 32.63 0.70
CA ALA A 157 -11.93 31.38 -0.04
C ALA A 157 -10.82 31.49 -1.09
N LEU A 158 -10.21 30.37 -1.43
CA LEU A 158 -9.22 30.32 -2.52
C LEU A 158 -9.92 30.50 -3.87
N SER A 159 -9.24 31.18 -4.81
CA SER A 159 -9.83 31.57 -6.10
C SER A 159 -10.40 30.37 -6.84
N GLN A 160 -11.62 30.52 -7.35
CA GLN A 160 -12.30 29.49 -8.13
C GLN A 160 -12.30 29.80 -9.63
N LYS A 161 -11.37 30.64 -10.07
CA LYS A 161 -11.25 31.01 -11.48
C LYS A 161 -10.76 29.82 -12.31
N ASP A 162 -11.10 29.81 -13.60
CA ASP A 162 -10.63 28.78 -14.53
C ASP A 162 -10.53 29.36 -15.95
N THR A 163 -9.49 30.15 -16.17
CA THR A 163 -9.15 30.70 -17.49
C THR A 163 -7.85 30.08 -17.97
N GLU A 164 -7.45 30.37 -19.21
CA GLU A 164 -6.15 29.91 -19.71
C GLU A 164 -4.98 30.60 -18.98
N ASP A 165 -5.19 31.81 -18.47
CA ASP A 165 -4.15 32.57 -17.72
C ASP A 165 -4.11 32.24 -16.22
N GLU A 166 -5.26 31.92 -15.65
CA GLU A 166 -5.34 31.44 -14.27
C GLU A 166 -6.20 30.16 -14.24
N PRO A 167 -5.60 28.99 -14.56
CA PRO A 167 -6.40 27.76 -14.59
C PRO A 167 -6.78 27.30 -13.18
N PHE A 168 -7.82 26.47 -13.12
CA PHE A 168 -8.40 25.99 -11.87
C PHE A 168 -7.34 25.44 -10.91
N GLY A 169 -7.19 26.10 -9.75
CA GLY A 169 -6.28 25.66 -8.72
C GLY A 169 -4.98 26.45 -8.68
N THR A 170 -4.86 27.48 -9.51
CA THR A 170 -3.61 28.26 -9.58
C THR A 170 -3.20 28.81 -8.21
N ALA A 171 -4.17 29.39 -7.49
CA ALA A 171 -3.93 29.95 -6.15
C ALA A 171 -3.63 28.85 -5.13
N SER A 172 -4.38 27.75 -5.20
CA SER A 172 -4.11 26.56 -4.35
C SER A 172 -2.68 26.10 -4.56
N GLY A 173 -2.33 25.93 -5.83
CA GLY A 173 -0.98 25.54 -6.23
C GLY A 173 0.10 26.47 -5.77
N GLU A 174 -0.13 27.78 -5.90
CA GLU A 174 0.88 28.79 -5.51
C GLU A 174 1.16 28.73 -4.03
N PHE A 175 0.08 28.65 -3.27
CA PHE A 175 0.17 28.40 -1.83
C PHE A 175 1.02 27.14 -1.55
N TYR A 176 0.63 26.01 -2.13
CA TYR A 176 1.37 24.73 -1.91
C TYR A 176 2.84 24.93 -2.26
N GLY A 177 3.08 25.42 -3.47
CA GLY A 177 4.45 25.70 -3.94
C GLY A 177 5.24 26.59 -3.01
N ARG A 178 4.65 27.72 -2.65
CA ARG A 178 5.30 28.66 -1.74
C ARG A 178 5.53 28.05 -0.37
N TYR A 179 4.51 27.33 0.13
CA TYR A 179 4.57 26.71 1.47
C TYR A 179 5.80 25.83 1.59
N ILE A 180 5.98 24.98 0.57
CA ILE A 180 7.10 24.06 0.51
C ILE A 180 8.44 24.80 0.47
N LYS A 181 8.55 25.79 -0.43
CA LYS A 181 9.80 26.58 -0.55
C LYS A 181 10.14 27.31 0.77
N GLU A 182 9.14 27.91 1.39
CA GLU A 182 9.34 28.77 2.58
C GLU A 182 9.63 28.00 3.88
N TYR A 183 8.79 27.01 4.19
CA TYR A 183 8.90 26.26 5.46
C TYR A 183 10.12 25.32 5.55
N PHE A 184 10.37 24.55 4.50
CA PHE A 184 11.35 23.45 4.57
C PHE A 184 12.77 23.93 4.30
N GLY A 185 13.72 23.33 5.02
CA GLY A 185 15.15 23.53 4.82
C GLY A 185 15.84 22.23 4.39
N GLU A 186 17.01 21.96 4.97
CA GLU A 186 17.84 20.78 4.64
C GLU A 186 18.17 19.90 5.85
N GLY A 187 17.55 20.14 7.00
CA GLY A 187 17.80 19.35 8.20
C GLY A 187 18.44 20.14 9.31
N GLY A 188 18.09 19.78 10.55
CA GLY A 188 18.72 20.30 11.73
C GLY A 188 18.46 21.78 11.85
N GLU A 189 19.54 22.52 12.06
CA GLU A 189 19.44 23.98 12.29
C GLU A 189 19.15 24.80 11.02
N SER A 190 19.22 24.18 9.84
CA SER A 190 18.72 24.78 8.60
C SER A 190 17.20 24.64 8.41
N GLY A 191 16.55 23.81 9.21
CA GLY A 191 15.07 23.60 9.12
C GLY A 191 14.70 22.15 8.81
N GLU A 192 13.38 21.87 8.76
CA GLU A 192 12.91 20.50 8.48
C GLU A 192 13.24 20.07 7.05
N PRO A 193 13.77 18.85 6.87
CA PRO A 193 14.08 18.40 5.52
C PRO A 193 12.87 18.40 4.58
N LYS A 194 13.10 18.73 3.32
CA LYS A 194 12.06 18.76 2.28
C LYS A 194 11.32 17.43 2.24
N PRO A 195 10.03 17.43 1.87
CA PRO A 195 9.32 16.16 1.70
C PRO A 195 9.87 15.36 0.55
N GLY A 196 9.92 14.03 0.73
CA GLY A 196 10.23 13.14 -0.39
C GLY A 196 9.14 13.09 -1.44
N PHE A 197 7.91 13.35 -1.02
CA PHE A 197 6.73 13.22 -1.90
C PHE A 197 5.71 14.28 -1.51
N CYS A 198 5.04 14.85 -2.51
CA CYS A 198 3.96 15.79 -2.28
C CYS A 198 2.72 15.30 -3.01
N GLU A 199 1.78 14.72 -2.27
CA GLU A 199 0.46 14.39 -2.81
C GLU A 199 -0.34 15.70 -2.90
N VAL A 200 -1.20 15.78 -3.90
CA VAL A 200 -1.94 17.01 -4.18
C VAL A 200 -3.01 17.24 -3.14
N ILE A 201 -3.88 16.25 -3.00
CA ILE A 201 -5.05 16.39 -2.16
C ILE A 201 -5.58 15.02 -1.69
N ASN A 202 -5.98 14.98 -0.43
CA ASN A 202 -6.40 13.75 0.21
C ASN A 202 -7.85 13.38 -0.11
N GLU A 203 -8.05 12.19 -0.67
CA GLU A 203 -9.37 11.60 -0.83
C GLU A 203 -10.42 12.59 -1.39
N PRO A 204 -10.12 13.14 -2.59
CA PRO A 204 -10.92 14.23 -3.14
C PRO A 204 -12.30 13.83 -3.65
N LEU A 205 -12.43 12.68 -4.29
CA LEU A 205 -13.73 12.25 -4.82
C LEU A 205 -14.69 11.77 -3.74
N TRP A 206 -14.18 11.53 -2.52
CA TRP A 206 -15.04 11.22 -1.38
C TRP A 206 -15.82 12.46 -0.95
N ASP A 207 -15.14 13.60 -0.87
CA ASP A 207 -15.80 14.88 -0.56
C ASP A 207 -16.63 15.43 -1.75
N ILE A 208 -16.08 15.27 -2.96
CA ILE A 208 -16.70 15.75 -4.20
C ILE A 208 -17.93 14.97 -4.65
N TYR A 209 -17.91 13.64 -4.55
CA TYR A 209 -18.95 12.83 -5.20
C TYR A 209 -19.63 11.72 -4.38
N ASP A 210 -18.96 11.19 -3.36
CA ASP A 210 -19.40 9.92 -2.75
C ASP A 210 -19.91 10.02 -1.33
N LYS A 211 -19.40 10.97 -0.53
CA LYS A 211 -19.90 11.13 0.84
C LYS A 211 -21.39 11.52 0.82
N PRO A 212 -22.11 11.24 1.92
CA PRO A 212 -23.51 11.72 1.96
C PRO A 212 -23.59 13.24 1.81
N LYS A 213 -24.56 13.69 1.01
CA LYS A 213 -24.77 15.10 0.69
C LYS A 213 -23.56 15.74 0.01
N ALA A 214 -22.88 14.99 -0.86
CA ALA A 214 -21.76 15.51 -1.65
C ALA A 214 -22.32 16.32 -2.80
N PRO A 215 -21.72 17.47 -3.12
CA PRO A 215 -22.23 18.33 -4.19
C PRO A 215 -22.13 17.76 -5.63
N LYS A 216 -21.29 16.74 -5.84
CA LYS A 216 -21.05 16.17 -7.17
C LYS A 216 -20.62 17.21 -8.19
N SER A 217 -19.67 18.07 -7.79
CA SER A 217 -18.95 18.93 -8.74
C SER A 217 -18.18 18.09 -9.82
N SER A 218 -17.51 18.77 -10.73
CA SER A 218 -16.90 18.11 -11.88
C SER A 218 -15.75 17.19 -11.45
N ILE A 219 -15.81 15.92 -11.83
CA ILE A 219 -14.66 15.02 -11.67
C ILE A 219 -13.52 15.51 -12.57
N THR A 220 -13.84 15.70 -13.85
CA THR A 220 -12.89 16.26 -14.81
C THR A 220 -12.05 17.42 -14.25
N LYS A 221 -12.72 18.38 -13.63
CA LYS A 221 -12.04 19.56 -13.10
C LYS A 221 -11.08 19.20 -11.94
N LEU A 222 -11.41 18.16 -11.17
CA LEU A 222 -10.45 17.64 -10.15
C LEU A 222 -9.13 17.15 -10.76
N PHE A 223 -9.22 16.47 -11.90
CA PHE A 223 -8.03 15.91 -12.55
C PHE A 223 -7.19 16.99 -13.20
N GLU A 224 -7.82 17.95 -13.89
CA GLU A 224 -7.11 19.15 -14.37
C GLU A 224 -6.42 19.89 -13.23
N PHE A 225 -7.13 19.99 -12.11
CA PHE A 225 -6.61 20.58 -10.86
C PHE A 225 -5.23 19.98 -10.51
N HIS A 226 -5.13 18.66 -10.54
CA HIS A 226 -3.84 17.99 -10.33
C HIS A 226 -2.69 18.49 -11.22
N SER A 227 -2.91 18.57 -12.54
CA SER A 227 -1.89 19.12 -13.47
C SER A 227 -1.44 20.53 -13.06
N THR A 228 -2.43 21.36 -12.74
CA THR A 228 -2.18 22.77 -12.37
C THR A 228 -1.45 22.89 -11.04
N ILE A 229 -1.78 22.02 -10.08
CA ILE A 229 -1.08 22.03 -8.79
C ILE A 229 0.38 21.61 -8.99
N ALA A 230 0.58 20.54 -9.76
CA ALA A 230 1.94 20.04 -10.05
C ALA A 230 2.82 21.14 -10.62
N ALA A 231 2.34 21.79 -11.69
CA ALA A 231 3.05 22.92 -12.32
C ALA A 231 3.36 24.05 -11.33
N GLN A 232 2.38 24.47 -10.56
CA GLN A 232 2.62 25.49 -9.53
C GLN A 232 3.66 25.03 -8.49
N VAL A 233 3.57 23.77 -8.05
CA VAL A 233 4.53 23.27 -7.08
C VAL A 233 5.95 23.27 -7.64
N LYS A 234 6.08 22.90 -8.92
CA LYS A 234 7.40 22.84 -9.58
C LYS A 234 7.94 24.21 -10.00
N LYS A 235 7.06 25.19 -10.20
CA LYS A 235 7.52 26.59 -10.38
C LYS A 235 8.43 27.03 -9.24
N PHE A 236 8.07 26.69 -7.98
CA PHE A 236 8.85 27.09 -6.78
C PHE A 236 9.85 26.03 -6.29
N ASN A 237 9.60 24.76 -6.63
CA ASN A 237 10.46 23.64 -6.18
C ASN A 237 10.60 22.64 -7.35
N PRO A 238 11.50 22.93 -8.33
CA PRO A 238 11.46 22.17 -9.58
C PRO A 238 11.69 20.66 -9.47
N ASP A 239 12.41 20.20 -8.44
CA ASP A 239 12.73 18.77 -8.30
C ASP A 239 11.79 17.96 -7.38
N MET A 240 10.72 18.60 -6.89
CA MET A 240 9.77 17.95 -5.97
C MET A 240 8.87 17.02 -6.75
N LYS A 241 8.73 15.81 -6.25
CA LYS A 241 7.84 14.84 -6.80
C LYS A 241 6.40 15.13 -6.38
N VAL A 242 5.47 15.07 -7.32
CA VAL A 242 4.07 15.35 -7.08
C VAL A 242 3.24 14.20 -7.57
N GLY A 243 2.19 13.85 -6.81
CA GLY A 243 1.32 12.73 -7.18
C GLY A 243 -0.14 12.87 -6.79
N GLY A 244 -0.94 11.94 -7.29
CA GLY A 244 -2.39 11.91 -7.05
C GLY A 244 -3.02 10.63 -7.57
N TYR A 245 -4.35 10.49 -7.45
CA TYR A 245 -5.24 11.45 -6.76
C TYR A 245 -5.64 11.07 -5.34
N CYS A 246 -4.98 10.06 -4.77
CA CYS A 246 -5.09 9.75 -3.35
C CYS A 246 -6.48 9.18 -3.07
N THR A 247 -6.82 8.18 -3.89
CA THR A 247 -8.13 7.56 -3.94
C THR A 247 -8.51 6.85 -2.63
N ALA A 248 -9.60 7.31 -2.01
CA ALA A 248 -10.14 6.68 -0.80
C ALA A 248 -10.61 5.26 -1.01
N PHE A 249 -11.31 5.03 -2.13
CA PHE A 249 -11.96 3.77 -2.43
C PHE A 249 -11.82 3.42 -3.92
N PRO A 250 -10.67 2.83 -4.33
CA PRO A 250 -10.49 2.45 -5.75
C PRO A 250 -11.30 1.19 -6.07
N ASP A 251 -12.53 1.36 -6.55
CA ASP A 251 -13.49 0.28 -6.80
C ASP A 251 -13.89 0.27 -8.28
N PHE A 252 -12.96 -0.24 -9.09
CA PHE A 252 -12.97 -0.08 -10.55
C PHE A 252 -14.12 -0.75 -11.26
N GLU A 253 -14.55 -1.92 -10.75
CA GLU A 253 -15.60 -2.69 -11.39
C GLU A 253 -17.02 -2.07 -11.29
N LEU A 254 -17.24 -1.06 -10.43
CA LEU A 254 -18.60 -0.57 -10.16
C LEU A 254 -19.21 0.13 -11.38
N GLN A 255 -20.55 0.02 -11.48
CA GLN A 255 -21.34 0.44 -12.65
C GLN A 255 -20.79 -0.23 -13.91
N ASN A 256 -20.56 -1.55 -13.84
CA ASN A 256 -20.07 -2.31 -15.01
C ASN A 256 -18.81 -1.64 -15.64
N PHE A 257 -17.89 -1.21 -14.77
CA PHE A 257 -16.64 -0.52 -15.10
C PHE A 257 -16.79 0.95 -15.52
N GLY A 258 -17.98 1.51 -15.30
CA GLY A 258 -18.18 2.93 -15.50
C GLY A 258 -17.37 3.74 -14.54
N ARG A 259 -17.22 3.26 -13.31
CA ARG A 259 -16.41 3.97 -12.32
C ARG A 259 -14.93 4.08 -12.76
N TRP A 260 -14.35 2.97 -13.21
CA TRP A 260 -13.02 2.97 -13.81
C TRP A 260 -12.96 3.98 -14.95
N ASN A 261 -13.89 3.83 -15.91
CA ASN A 261 -13.95 4.73 -17.08
C ASN A 261 -14.04 6.21 -16.72
N ALA A 262 -14.81 6.54 -15.69
CA ALA A 262 -15.01 7.95 -15.29
C ALA A 262 -13.87 8.50 -14.42
N ARG A 263 -13.16 7.64 -13.71
CA ARG A 263 -12.19 8.11 -12.74
C ARG A 263 -10.72 7.80 -13.10
N TRP A 264 -10.22 6.61 -12.77
CA TRP A 264 -8.77 6.37 -12.97
C TRP A 264 -8.37 6.48 -14.43
N LYS A 265 -9.19 5.94 -15.34
CA LYS A 265 -8.96 6.12 -16.77
C LYS A 265 -8.79 7.59 -17.15
N GLN A 266 -9.76 8.43 -16.74
CA GLN A 266 -9.72 9.85 -17.12
C GLN A 266 -8.56 10.56 -16.43
N PHE A 267 -8.28 10.21 -15.17
CA PHE A 267 -7.14 10.80 -14.47
C PHE A 267 -5.83 10.52 -15.22
N ILE A 268 -5.64 9.27 -15.66
CA ILE A 268 -4.44 8.91 -16.41
C ILE A 268 -4.38 9.68 -17.74
N ASP A 269 -5.52 9.82 -18.43
CA ASP A 269 -5.58 10.56 -19.71
C ASP A 269 -5.29 12.05 -19.56
N ILE A 270 -5.88 12.66 -18.53
CA ILE A 270 -5.81 14.11 -18.34
C ILE A 270 -4.52 14.51 -17.62
N ALA A 271 -4.22 13.87 -16.48
CA ALA A 271 -3.13 14.28 -15.62
C ALA A 271 -1.95 13.30 -15.50
N GLY A 272 -2.12 12.07 -15.97
CA GLY A 272 -1.13 11.01 -15.82
C GLY A 272 0.27 11.44 -16.16
N LYS A 273 0.43 12.08 -17.32
CA LYS A 273 1.74 12.57 -17.78
C LYS A 273 2.39 13.63 -16.88
N ASP A 274 1.60 14.37 -16.10
CA ASP A 274 2.17 15.39 -15.20
C ASP A 274 2.51 14.89 -13.78
N MET A 275 2.07 13.68 -13.42
CA MET A 275 2.39 13.10 -12.10
C MET A 275 3.70 12.31 -12.11
N ASP A 276 4.53 12.51 -11.09
CA ASP A 276 5.73 11.72 -10.90
C ASP A 276 5.40 10.38 -10.26
N PHE A 277 4.25 10.30 -9.58
CA PHE A 277 3.77 9.06 -8.98
C PHE A 277 2.27 9.08 -8.80
N PHE A 278 1.70 7.89 -8.66
CA PHE A 278 0.28 7.70 -8.44
C PHE A 278 0.07 7.26 -6.99
N THR A 279 -1.07 7.64 -6.41
CA THR A 279 -1.34 7.36 -5.00
C THR A 279 -2.78 6.93 -4.79
N ILE A 280 -2.95 5.86 -4.00
CA ILE A 280 -4.26 5.35 -3.60
C ILE A 280 -4.24 4.90 -2.16
N HIS A 281 -5.44 4.67 -1.63
CA HIS A 281 -5.64 4.07 -0.33
C HIS A 281 -6.33 2.75 -0.52
N LEU A 282 -5.98 1.80 0.34
CA LEU A 282 -6.53 0.45 0.24
C LEU A 282 -6.92 -0.08 1.60
N TYR A 283 -8.22 -0.17 1.84
CA TYR A 283 -8.75 -0.63 3.12
C TYR A 283 -9.61 -1.88 2.91
N ASP A 284 -9.37 -2.93 3.70
CA ASP A 284 -10.31 -4.05 3.78
C ASP A 284 -11.52 -3.63 4.61
N PHE A 285 -12.67 -4.26 4.36
CA PHE A 285 -13.87 -4.09 5.21
C PHE A 285 -14.19 -5.44 5.86
N PRO A 286 -13.52 -5.78 6.97
CA PRO A 286 -13.80 -7.07 7.61
C PRO A 286 -15.10 -7.11 8.43
N CYS A 287 -15.75 -5.96 8.67
CA CYS A 287 -17.00 -5.93 9.45
C CYS A 287 -17.80 -4.66 9.14
N LYS A 288 -18.48 -4.68 7.99
CA LYS A 288 -19.36 -3.60 7.56
C LYS A 288 -20.78 -4.18 7.58
N ASP A 289 -21.56 -3.82 8.61
CA ASP A 289 -22.93 -4.35 8.84
C ASP A 289 -22.93 -5.89 8.88
N GLY A 290 -21.91 -6.48 9.52
CA GLY A 290 -21.72 -7.93 9.60
C GLY A 290 -21.09 -8.63 8.39
N LYS A 291 -20.77 -7.87 7.34
CA LYS A 291 -20.25 -8.41 6.08
C LYS A 291 -18.71 -8.25 5.95
N GLN A 292 -18.10 -9.16 5.21
CA GLN A 292 -16.65 -9.23 5.01
C GLN A 292 -16.32 -9.01 3.54
N MET A 293 -15.81 -7.84 3.21
CA MET A 293 -15.43 -7.47 1.84
C MET A 293 -13.95 -7.10 1.80
N TYR A 294 -13.14 -8.01 1.26
CA TYR A 294 -11.68 -7.88 1.29
C TYR A 294 -11.08 -7.42 -0.01
N ARG A 295 -10.06 -6.56 0.11
CA ARG A 295 -9.14 -6.24 -0.99
C ARG A 295 -7.92 -7.16 -0.97
N LYS A 296 -7.48 -7.59 0.21
CA LYS A 296 -6.41 -8.58 0.29
C LYS A 296 -6.77 -9.85 -0.46
N GLY A 297 -5.79 -10.39 -1.18
CA GLY A 297 -6.00 -11.45 -2.14
C GLY A 297 -6.19 -10.92 -3.54
N SER A 298 -6.98 -11.62 -4.34
CA SER A 298 -7.05 -11.36 -5.77
C SER A 298 -7.56 -9.96 -6.10
N ASN A 299 -8.39 -9.39 -5.24
CA ASN A 299 -9.01 -8.09 -5.52
C ASN A 299 -8.03 -6.92 -5.71
N MET A 300 -7.17 -6.71 -4.71
CA MET A 300 -6.17 -5.65 -4.85
C MET A 300 -5.19 -5.90 -6.01
N GLU A 301 -4.95 -7.17 -6.34
CA GLU A 301 -4.10 -7.52 -7.49
C GLU A 301 -4.72 -6.97 -8.79
N ALA A 302 -6.04 -7.06 -8.91
CA ALA A 302 -6.77 -6.57 -10.05
C ALA A 302 -6.78 -5.07 -10.09
N THR A 303 -6.97 -4.45 -8.95
CA THR A 303 -6.94 -2.99 -8.87
C THR A 303 -5.56 -2.48 -9.34
N MET A 304 -4.49 -3.06 -8.81
CA MET A 304 -3.14 -2.59 -9.13
C MET A 304 -2.73 -2.96 -10.55
N ASP A 305 -3.09 -4.16 -11.01
CA ASP A 305 -2.80 -4.54 -12.43
C ASP A 305 -3.45 -3.58 -13.42
N MET A 306 -4.66 -3.12 -13.10
CA MET A 306 -5.42 -2.26 -14.02
C MET A 306 -4.77 -0.90 -14.17
N ILE A 307 -4.36 -0.32 -13.05
CA ILE A 307 -3.60 0.92 -13.06
C ILE A 307 -2.34 0.80 -13.91
N GLU A 308 -1.59 -0.30 -13.75
CA GLU A 308 -0.31 -0.45 -14.45
C GLU A 308 -0.53 -0.67 -15.94
N GLN A 309 -1.48 -1.54 -16.26
CA GLN A 309 -1.74 -1.92 -17.64
C GLN A 309 -2.20 -0.68 -18.42
N TYR A 310 -3.15 0.07 -17.88
CA TYR A 310 -3.62 1.25 -18.60
C TYR A 310 -2.56 2.34 -18.65
N SER A 311 -1.76 2.47 -17.60
CA SER A 311 -0.63 3.38 -17.66
C SER A 311 0.33 3.00 -18.78
N MET A 312 0.60 1.71 -18.95
CA MET A 312 1.42 1.26 -20.08
C MET A 312 0.76 1.62 -21.40
N ILE A 313 -0.54 1.33 -21.57
CA ILE A 313 -1.21 1.64 -22.85
C ILE A 313 -1.19 3.14 -23.16
N LYS A 314 -1.56 3.98 -22.20
CA LYS A 314 -1.66 5.42 -22.46
C LYS A 314 -0.37 6.22 -22.34
N LEU A 315 0.44 5.93 -21.31
CA LEU A 315 1.66 6.68 -21.05
C LEU A 315 2.92 5.99 -21.55
N GLY A 316 2.82 4.72 -21.93
CA GLY A 316 4.02 3.92 -22.27
C GLY A 316 4.93 3.53 -21.11
N GLU A 317 4.50 3.78 -19.87
CA GLU A 317 5.29 3.42 -18.69
C GLU A 317 4.38 3.08 -17.53
N VAL A 318 4.93 2.36 -16.55
CA VAL A 318 4.29 2.17 -15.27
C VAL A 318 4.77 3.28 -14.33
N LYS A 319 3.83 4.05 -13.78
CA LYS A 319 4.17 5.09 -12.83
C LYS A 319 4.42 4.46 -11.48
N PRO A 320 5.40 4.99 -10.73
CA PRO A 320 5.55 4.46 -9.36
C PRO A 320 4.26 4.63 -8.53
N LEU A 321 3.87 3.61 -7.79
CA LEU A 321 2.62 3.65 -7.03
C LEU A 321 2.91 3.80 -5.54
N MET A 322 2.24 4.76 -4.90
CA MET A 322 2.29 4.95 -3.45
C MET A 322 0.96 4.50 -2.86
N ILE A 323 1.02 3.79 -1.74
N ILE A 323 1.01 3.76 -1.75
CA ILE A 323 -0.16 3.48 -0.94
CA ILE A 323 -0.19 3.49 -0.95
C ILE A 323 -0.02 4.25 0.38
C ILE A 323 -0.03 4.25 0.37
N SER A 324 -0.54 5.47 0.40
CA SER A 324 -0.30 6.40 1.52
C SER A 324 -1.11 6.06 2.76
N GLU A 325 -2.14 5.24 2.59
CA GLU A 325 -2.86 4.66 3.73
C GLU A 325 -3.32 3.27 3.35
N TYR A 326 -3.07 2.29 4.20
CA TYR A 326 -3.76 1.01 4.03
C TYR A 326 -3.94 0.35 5.36
N SER A 327 -4.84 -0.65 5.38
CA SER A 327 -5.11 -1.52 6.54
C SER A 327 -6.59 -2.03 6.37
N ALA A 328 -7.32 -2.09 7.47
CA ALA A 328 -8.75 -2.33 7.50
C ALA A 328 -9.48 -1.12 8.07
N GLN A 329 -10.70 -0.92 7.61
CA GLN A 329 -11.64 0.03 8.23
C GLN A 329 -12.63 -0.83 9.00
N THR A 330 -12.81 -0.57 10.29
CA THR A 330 -13.59 -1.48 11.14
C THR A 330 -14.92 -0.87 11.55
N HIS A 331 -15.84 -0.77 10.58
CA HIS A 331 -17.13 -0.06 10.74
C HIS A 331 -17.90 -0.45 12.01
N ASP A 332 -18.10 -1.76 12.21
CA ASP A 332 -18.89 -2.28 13.32
C ASP A 332 -18.26 -2.00 14.69
N TYR A 333 -16.95 -1.71 14.70
CA TYR A 333 -16.22 -1.41 15.92
C TYR A 333 -15.80 0.06 16.09
N ASN A 334 -16.11 0.91 15.12
CA ASN A 334 -15.61 2.28 15.13
C ASN A 334 -16.34 3.25 16.06
N ARG A 335 -17.49 2.84 16.60
CA ARG A 335 -18.19 3.57 17.67
C ARG A 335 -18.13 2.83 19.01
N LYS A 336 -17.18 1.91 19.12
CA LYS A 336 -16.93 1.11 20.30
C LYS A 336 -15.66 1.64 20.97
N PRO A 337 -15.49 1.39 22.28
CA PRO A 337 -14.19 1.61 22.89
C PRO A 337 -13.09 0.76 22.24
N TRP A 338 -11.84 1.15 22.44
CA TRP A 338 -10.70 0.35 22.00
C TRP A 338 -10.77 -1.10 22.51
N SER A 339 -10.36 -2.04 21.67
CA SER A 339 -10.20 -3.44 22.07
C SER A 339 -8.99 -4.01 21.36
N PRO A 340 -8.28 -4.96 22.01
CA PRO A 340 -7.31 -5.76 21.29
C PRO A 340 -7.84 -6.36 19.99
N TYR A 341 -9.11 -6.78 20.00
CA TYR A 341 -9.72 -7.43 18.84
C TYR A 341 -9.77 -6.47 17.65
N ARG A 342 -10.15 -5.22 17.92
CA ARG A 342 -10.25 -4.22 16.86
C ARG A 342 -8.86 -3.97 16.23
N ASP A 343 -7.81 -3.97 17.05
CA ASP A 343 -6.46 -3.90 16.56
C ASP A 343 -6.11 -5.15 15.73
N TRP A 344 -6.54 -6.34 16.17
CA TRP A 344 -6.28 -7.57 15.39
C TRP A 344 -6.81 -7.46 13.98
N LEU A 345 -8.04 -6.98 13.85
CA LEU A 345 -8.66 -6.81 12.54
C LEU A 345 -7.76 -5.99 11.63
N ARG A 346 -7.11 -4.96 12.18
CA ARG A 346 -6.20 -4.12 11.40
C ARG A 346 -4.88 -4.83 11.08
N LEU A 347 -4.36 -5.57 12.06
CA LEU A 347 -3.11 -6.27 11.91
C LEU A 347 -3.14 -7.30 10.77
N LYS A 348 -4.19 -8.12 10.76
CA LYS A 348 -4.31 -9.17 9.74
C LYS A 348 -4.39 -8.61 8.31
N SER A 349 -5.04 -7.46 8.15
CA SER A 349 -5.12 -6.79 6.83
C SER A 349 -3.78 -6.19 6.45
N THR A 350 -3.11 -5.58 7.42
CA THR A 350 -1.82 -4.96 7.19
C THR A 350 -0.78 -6.00 6.72
N ASN A 351 -0.67 -7.12 7.43
CA ASN A 351 0.31 -8.14 7.05
C ASN A 351 0.11 -8.73 5.66
N SER A 352 -1.11 -9.10 5.32
CA SER A 352 -1.41 -9.63 3.99
C SER A 352 -1.16 -8.59 2.91
N MET A 353 -1.61 -7.36 3.11
CA MET A 353 -1.37 -6.33 2.11
C MET A 353 0.11 -6.03 1.88
N LEU A 354 0.88 -5.98 2.97
CA LEU A 354 2.31 -5.75 2.89
C LEU A 354 3.03 -6.84 2.06
N MET A 355 2.66 -8.10 2.29
CA MET A 355 3.20 -9.20 1.48
C MET A 355 2.93 -8.98 -0.01
N GLN A 356 1.73 -8.51 -0.34
CA GLN A 356 1.35 -8.25 -1.72
C GLN A 356 2.10 -7.04 -2.28
N PHE A 357 2.29 -5.99 -1.48
CA PHE A 357 3.11 -4.86 -1.94
C PHE A 357 4.59 -5.27 -2.18
N MET A 358 5.11 -6.13 -1.31
CA MET A 358 6.49 -6.62 -1.44
C MET A 358 6.73 -7.40 -2.77
N GLU A 359 5.70 -8.09 -3.25
CA GLU A 359 5.74 -8.73 -4.58
C GLU A 359 5.86 -7.78 -5.77
N ARG A 360 5.49 -6.52 -5.56
CA ARG A 360 5.60 -5.47 -6.60
C ARG A 360 6.58 -4.41 -6.19
N THR A 361 7.56 -4.77 -5.39
CA THR A 361 8.41 -3.74 -4.79
C THR A 361 9.01 -2.78 -5.82
N ASP A 362 9.28 -3.26 -7.04
CA ASP A 362 9.91 -2.40 -8.08
C ASP A 362 9.04 -1.24 -8.56
N ASN A 363 7.73 -1.40 -8.44
CA ASN A 363 6.75 -0.35 -8.78
C ASN A 363 5.99 0.31 -7.59
N ILE A 364 6.41 0.04 -6.37
CA ILE A 364 5.84 0.69 -5.20
C ILE A 364 6.93 1.64 -4.69
N CYS A 365 6.63 2.94 -4.56
CA CYS A 365 7.60 3.88 -3.95
C CYS A 365 7.44 4.00 -2.46
N TYR A 366 6.27 3.62 -1.93
CA TYR A 366 5.98 3.84 -0.53
C TYR A 366 4.65 3.20 -0.18
N ALA A 367 4.62 2.40 0.88
CA ALA A 367 3.38 1.85 1.39
C ALA A 367 3.32 2.07 2.90
N MET A 368 2.23 2.71 3.37
CA MET A 368 2.17 3.19 4.75
C MET A 368 0.93 2.67 5.46
N PRO A 369 1.12 1.77 6.44
CA PRO A 369 -0.03 1.35 7.21
C PRO A 369 -0.60 2.55 7.98
N PHE A 370 -1.92 2.63 8.01
CA PHE A 370 -2.59 3.72 8.67
C PHE A 370 -2.67 3.44 10.18
N ALA A 371 -1.73 4.03 10.88
CA ALA A 371 -1.74 4.05 12.32
C ALA A 371 -1.02 5.31 12.67
N MET A 372 -1.66 6.10 13.53
CA MET A 372 -1.08 7.34 14.04
C MET A 372 -0.50 7.07 15.40
N LEU A 373 0.31 8.00 15.91
CA LEU A 373 1.00 7.77 17.16
C LEU A 373 0.02 7.65 18.32
N LYS A 374 -0.87 8.65 18.40
CA LYS A 374 -1.68 8.86 19.59
C LYS A 374 -2.98 9.58 19.34
N SER A 375 -2.91 10.70 18.64
CA SER A 375 -4.06 11.54 18.35
C SER A 375 -4.84 11.88 19.64
N GLU A 376 -4.15 12.45 20.63
CA GLU A 376 -4.79 12.93 21.87
C GLU A 376 -5.96 13.90 21.59
N TRP A 377 -5.87 14.70 20.52
CA TRP A 377 -6.92 15.63 20.13
C TRP A 377 -8.03 14.99 19.30
N GLY A 378 -7.79 13.81 18.72
CA GLY A 378 -8.87 13.02 18.10
C GLY A 378 -9.83 12.29 19.06
N TYR A 379 -9.52 12.28 20.34
CA TYR A 379 -10.48 11.86 21.36
C TYR A 379 -11.61 12.89 21.44
N ASN A 380 -12.84 12.43 21.30
CA ASN A 380 -14.02 13.26 21.51
C ASN A 380 -14.53 13.05 22.95
N PRO A 381 -14.42 14.10 23.80
CA PRO A 381 -14.96 13.99 25.18
C PRO A 381 -16.47 13.77 25.31
N LYS A 382 -17.27 14.17 24.31
CA LYS A 382 -18.73 13.94 24.35
C LYS A 382 -19.05 12.45 24.25
N THR A 383 -18.48 11.79 23.24
CA THR A 383 -18.74 10.37 22.97
C THR A 383 -17.89 9.42 23.80
N GLY A 384 -16.74 9.89 24.27
CA GLY A 384 -15.74 9.01 24.87
C GLY A 384 -14.99 8.12 23.87
N LEU A 385 -15.06 8.45 22.57
CA LEU A 385 -14.41 7.65 21.52
C LEU A 385 -13.03 8.18 21.21
N ALA A 386 -12.01 7.34 21.46
CA ALA A 386 -10.65 7.59 21.02
C ALA A 386 -10.52 7.31 19.51
N HIS A 387 -9.46 7.86 18.91
CA HIS A 387 -9.06 7.54 17.53
C HIS A 387 -8.94 6.02 17.37
N THR A 388 -9.46 5.49 16.27
CA THR A 388 -9.57 4.03 16.09
C THR A 388 -8.31 3.28 15.62
N ALA A 389 -7.26 4.00 15.27
CA ALA A 389 -5.99 3.41 14.86
C ALA A 389 -4.80 4.11 15.49
N ARG A 390 -4.48 3.71 16.73
CA ARG A 390 -3.39 4.33 17.48
C ARG A 390 -2.33 3.34 17.84
N MET A 391 -1.07 3.76 17.72
CA MET A 391 0.06 2.99 18.20
C MET A 391 0.10 2.93 19.72
N LEU A 392 -0.44 3.97 20.37
CA LEU A 392 -0.45 4.08 21.82
C LEU A 392 -1.87 4.27 22.30
N ARG A 393 -2.21 3.62 23.41
CA ARG A 393 -3.50 3.82 24.05
C ARG A 393 -3.32 3.99 25.56
N ARG A 394 -4.34 4.50 26.24
CA ARG A 394 -4.22 4.79 27.66
C ARG A 394 -4.37 3.51 28.45
N GLU A 395 -3.64 3.48 29.56
CA GLU A 395 -3.40 2.26 30.31
C GLU A 395 -4.71 1.63 30.76
N ASN A 396 -5.72 2.45 31.04
CA ASN A 396 -7.01 1.94 31.52
C ASN A 396 -8.09 1.79 30.46
N GLU A 397 -7.76 1.95 29.18
CA GLU A 397 -8.73 1.63 28.12
C GLU A 397 -8.93 0.09 28.11
N PRO A 398 -10.12 -0.42 27.78
CA PRO A 398 -11.34 0.32 27.42
C PRO A 398 -12.18 0.92 28.55
N GLU A 399 -11.93 0.51 29.80
CA GLU A 399 -12.84 0.84 30.93
C GLU A 399 -12.95 2.34 31.16
N SER A 400 -11.80 3.04 31.17
CA SER A 400 -11.82 4.50 31.11
C SER A 400 -10.65 5.06 30.33
N PHE A 401 -10.83 6.28 29.85
CA PHE A 401 -9.80 6.98 29.11
C PHE A 401 -8.92 7.75 30.10
N THR A 402 -8.20 6.99 30.91
CA THR A 402 -7.31 7.51 31.93
C THR A 402 -6.01 6.68 31.98
N GLY A 403 -5.04 7.21 32.71
CA GLY A 403 -3.73 6.58 32.87
C GLY A 403 -2.76 7.01 31.79
N GLU A 404 -1.51 6.61 31.96
CA GLU A 404 -0.46 6.94 31.04
C GLU A 404 -0.59 6.10 29.75
N TYR A 405 -0.05 6.61 28.65
CA TYR A 405 -0.15 5.92 27.37
C TYR A 405 0.83 4.74 27.31
N VAL A 406 0.31 3.61 26.82
CA VAL A 406 1.10 2.39 26.58
C VAL A 406 0.85 1.91 25.15
N TYR A 407 1.68 0.97 24.65
CA TYR A 407 1.47 0.44 23.29
C TYR A 407 0.12 -0.26 23.15
N SER A 408 -0.55 0.04 22.05
CA SER A 408 -1.69 -0.76 21.61
C SER A 408 -1.15 -2.09 21.09
N GLU A 409 -2.04 -2.93 20.59
CA GLU A 409 -1.64 -4.20 19.98
C GLU A 409 -1.00 -3.96 18.63
N LEU A 410 -1.16 -2.77 18.07
CA LEU A 410 -0.55 -2.48 16.78
C LEU A 410 0.95 -2.57 16.82
N ILE A 411 1.56 -2.41 17.99
CA ILE A 411 3.01 -2.63 18.13
C ILE A 411 3.46 -4.05 17.69
N LYS A 412 2.55 -5.02 17.78
CA LYS A 412 2.85 -6.38 17.39
C LYS A 412 3.30 -6.53 15.94
N PHE A 413 2.81 -5.66 15.05
CA PHE A 413 3.29 -5.64 13.67
C PHE A 413 4.78 -5.30 13.61
N TYR A 414 5.19 -4.27 14.34
CA TYR A 414 6.57 -3.81 14.33
C TYR A 414 7.47 -4.81 15.08
N GLN A 415 6.93 -5.48 16.11
CA GLN A 415 7.66 -6.59 16.77
C GLN A 415 7.80 -7.80 15.83
N LEU A 416 6.72 -8.15 15.12
CA LEU A 416 6.75 -9.24 14.15
C LEU A 416 7.82 -9.02 13.07
N TRP A 417 7.89 -7.81 12.54
CA TRP A 417 8.79 -7.47 11.42
C TRP A 417 10.18 -6.97 11.85
N LYS A 418 10.46 -6.95 13.15
CA LYS A 418 11.77 -6.56 13.70
C LYS A 418 12.93 -7.33 13.05
N ASP A 419 13.99 -6.61 12.71
CA ASP A 419 15.23 -7.15 12.12
C ASP A 419 15.14 -7.57 10.66
N VAL A 420 13.93 -7.71 10.12
CA VAL A 420 13.76 -8.28 8.79
C VAL A 420 14.44 -7.35 7.82
N LYS A 421 15.37 -7.89 7.05
CA LYS A 421 16.10 -7.18 6.01
C LYS A 421 16.95 -8.17 5.21
N GLY A 422 17.53 -7.70 4.12
CA GLY A 422 18.54 -8.46 3.39
C GLY A 422 18.17 -8.70 1.94
N THR A 423 18.89 -9.63 1.34
CA THR A 423 18.71 -9.95 -0.07
C THR A 423 17.51 -10.91 -0.20
N ARG A 424 16.59 -10.57 -1.09
CA ARG A 424 15.42 -11.43 -1.31
C ARG A 424 15.80 -12.77 -1.95
N VAL A 425 15.22 -13.86 -1.45
CA VAL A 425 15.53 -15.19 -1.99
C VAL A 425 14.23 -15.90 -2.34
N GLU A 426 14.33 -16.80 -3.32
CA GLU A 426 13.14 -17.42 -3.90
C GLU A 426 12.42 -18.33 -2.94
N THR A 427 11.10 -18.23 -2.94
CA THR A 427 10.20 -19.07 -2.15
C THR A 427 9.00 -19.39 -3.03
N ASN A 428 8.41 -20.55 -2.79
CA ASN A 428 7.21 -20.93 -3.48
C ASN A 428 6.36 -21.88 -2.63
N CYS A 429 5.10 -21.97 -3.00
CA CYS A 429 4.10 -22.62 -2.21
C CYS A 429 3.03 -23.17 -3.13
N ASP A 430 2.49 -24.35 -2.84
CA ASP A 430 1.47 -24.96 -3.73
C ASP A 430 0.02 -24.61 -3.33
N ASN A 431 -0.18 -23.57 -2.55
CA ASN A 431 -1.51 -23.10 -2.19
C ASN A 431 -1.54 -21.57 -2.39
N PRO A 432 -2.39 -21.08 -3.30
CA PRO A 432 -2.38 -19.64 -3.55
C PRO A 432 -2.95 -18.78 -2.40
N ASP A 433 -3.57 -19.41 -1.41
CA ASP A 433 -4.02 -18.70 -0.21
C ASP A 433 -2.91 -18.54 0.81
N ILE A 434 -1.75 -19.12 0.55
CA ILE A 434 -0.59 -18.94 1.39
C ILE A 434 0.45 -18.12 0.63
N MET A 435 0.82 -16.97 1.17
CA MET A 435 1.86 -16.13 0.56
C MET A 435 3.14 -16.27 1.36
N CYS A 436 4.27 -16.34 0.67
CA CYS A 436 5.54 -16.44 1.35
C CYS A 436 6.57 -15.56 0.69
N ASP A 437 7.63 -15.29 1.44
CA ASP A 437 8.73 -14.46 0.98
C ASP A 437 9.89 -14.71 1.94
N ALA A 438 11.07 -14.28 1.57
CA ALA A 438 12.24 -14.46 2.45
C ALA A 438 13.38 -13.55 2.06
N TYR A 439 14.18 -13.18 3.07
CA TYR A 439 15.28 -12.24 2.91
C TYR A 439 16.47 -12.77 3.68
N VAL A 440 17.65 -12.64 3.10
CA VAL A 440 18.88 -13.16 3.68
C VAL A 440 19.79 -12.00 4.07
N ASP A 441 20.16 -11.92 5.35
CA ASP A 441 21.15 -10.93 5.83
C ASP A 441 22.34 -11.67 6.51
N GLY A 442 23.43 -11.84 5.76
CA GLY A 442 24.64 -12.54 6.24
C GLY A 442 24.32 -13.94 6.73
N LYS A 443 24.34 -14.11 8.04
CA LYS A 443 24.07 -15.39 8.68
C LYS A 443 22.60 -15.62 9.00
N ASN A 444 21.77 -14.57 8.92
CA ASN A 444 20.35 -14.69 9.25
C ASN A 444 19.49 -14.80 8.02
N VAL A 445 18.40 -15.55 8.15
CA VAL A 445 17.43 -15.69 7.07
C VAL A 445 16.05 -15.48 7.65
N TYR A 446 15.28 -14.57 7.03
CA TYR A 446 13.92 -14.28 7.47
C TYR A 446 12.91 -14.88 6.49
N PHE A 447 12.02 -15.73 7.00
CA PHE A 447 11.09 -16.48 6.19
C PHE A 447 9.70 -16.13 6.65
N ILE A 448 8.93 -15.47 5.78
CA ILE A 448 7.67 -14.86 6.16
C ILE A 448 6.56 -15.57 5.46
N ILE A 449 5.56 -16.00 6.21
CA ILE A 449 4.47 -16.76 5.64
C ILE A 449 3.16 -16.16 6.15
N ASN A 450 2.21 -15.95 5.21
CA ASN A 450 0.96 -15.29 5.52
C ASN A 450 -0.22 -16.12 5.01
N ASN A 451 -1.26 -16.20 5.83
CA ASN A 451 -2.44 -16.96 5.53
C ASN A 451 -3.61 -16.08 5.13
N LEU A 452 -4.05 -16.20 3.87
CA LEU A 452 -5.26 -15.54 3.39
C LEU A 452 -6.53 -16.39 3.64
N ASP A 453 -6.38 -17.64 4.04
CA ASP A 453 -7.54 -18.50 4.23
C ASP A 453 -8.15 -18.25 5.62
N PHE A 454 -9.44 -18.57 5.75
CA PHE A 454 -10.17 -18.35 7.00
C PHE A 454 -10.16 -19.53 7.94
N LYS A 455 -9.15 -20.37 7.85
CA LYS A 455 -8.99 -21.47 8.79
C LYS A 455 -7.51 -21.74 8.89
N PRO A 456 -7.10 -22.54 9.90
CA PRO A 456 -5.71 -22.92 10.05
C PRO A 456 -5.21 -23.72 8.87
N VAL A 457 -3.94 -23.57 8.55
CA VAL A 457 -3.35 -24.28 7.43
C VAL A 457 -2.08 -24.92 7.94
N ASP A 458 -2.03 -26.25 7.83
CA ASP A 458 -0.88 -27.04 8.24
C ASP A 458 0.16 -27.03 7.15
N LEU A 459 1.34 -26.49 7.47
CA LEU A 459 2.43 -26.32 6.52
C LEU A 459 3.51 -27.34 6.74
N ASN A 460 4.03 -27.89 5.64
CA ASN A 460 5.28 -28.63 5.64
C ASN A 460 6.38 -27.73 5.04
N LEU A 461 7.45 -27.48 5.79
CA LEU A 461 8.51 -26.56 5.36
C LEU A 461 9.73 -27.29 4.87
N SER A 462 10.25 -26.86 3.71
CA SER A 462 11.50 -27.33 3.16
C SER A 462 12.43 -26.14 2.90
N VAL A 463 13.67 -26.24 3.39
CA VAL A 463 14.68 -25.18 3.18
C VAL A 463 15.84 -25.84 2.43
N ASN A 464 16.10 -25.37 1.21
CA ASN A 464 17.12 -25.93 0.33
C ASN A 464 18.14 -24.87 -0.01
N GLY A 465 19.28 -25.34 -0.52
CA GLY A 465 20.38 -24.48 -0.93
C GLY A 465 21.51 -24.33 0.07
N THR A 466 21.32 -24.82 1.29
CA THR A 466 22.42 -24.93 2.23
C THR A 466 22.72 -26.38 2.54
N SER A 467 24.01 -26.67 2.69
CA SER A 467 24.47 -27.96 3.21
C SER A 467 24.11 -28.15 4.71
N LYS A 468 24.46 -27.15 5.54
CA LYS A 468 24.36 -27.25 7.00
C LYS A 468 23.01 -26.77 7.56
N ASP A 469 22.51 -27.49 8.56
CA ASP A 469 21.32 -27.14 9.34
C ASP A 469 21.53 -25.82 10.10
N ALA A 470 20.45 -25.11 10.40
CA ALA A 470 20.54 -23.85 11.15
C ALA A 470 21.00 -24.08 12.58
N LYS A 471 21.76 -23.13 13.11
CA LYS A 471 22.27 -23.18 14.49
C LYS A 471 21.13 -22.94 15.49
N SER A 472 20.23 -22.02 15.15
CA SER A 472 19.01 -21.81 15.91
C SER A 472 17.90 -21.27 15.04
N ILE A 473 16.68 -21.29 15.57
CA ILE A 473 15.48 -20.83 14.86
C ILE A 473 14.60 -20.11 15.87
N GLU A 474 14.14 -18.90 15.48
CA GLU A 474 13.14 -18.14 16.25
C GLU A 474 11.85 -18.04 15.44
N VAL A 475 10.73 -18.33 16.09
CA VAL A 475 9.46 -18.36 15.44
C VAL A 475 8.66 -17.21 16.02
N ARG A 476 8.12 -16.39 15.14
CA ARG A 476 7.19 -15.33 15.52
C ARG A 476 5.90 -15.64 14.84
N HIS A 477 4.84 -15.80 15.59
CA HIS A 477 3.57 -16.22 15.07
C HIS A 477 2.49 -15.29 15.62
N LEU A 478 1.90 -14.49 14.74
CA LEU A 478 0.86 -13.53 15.12
C LEU A 478 -0.52 -14.03 14.70
N TYR A 479 -1.37 -14.33 15.70
CA TYR A 479 -2.69 -14.91 15.46
C TYR A 479 -3.69 -14.38 16.46
N LEU A 480 -4.97 -14.73 16.24
CA LEU A 480 -6.10 -14.39 17.12
C LEU A 480 -6.43 -15.51 18.09
N LYS A 481 -6.41 -15.23 19.38
CA LYS A 481 -6.93 -16.18 20.37
C LYS A 481 -8.38 -15.84 20.76
N GLY A 482 -9.22 -16.86 20.85
CA GLY A 482 -10.56 -16.72 21.42
C GLY A 482 -11.66 -16.33 20.46
N GLY A 483 -11.36 -16.34 19.15
CA GLY A 483 -12.35 -15.95 18.15
C GLY A 483 -12.82 -14.52 18.29
N LYS A 484 -14.01 -14.22 17.76
CA LYS A 484 -14.56 -12.87 17.77
C LYS A 484 -14.50 -12.21 19.16
N ASP A 485 -14.10 -10.94 19.16
CA ASP A 485 -13.84 -10.16 20.38
C ASP A 485 -12.73 -10.77 21.26
N GLY A 486 -11.80 -11.51 20.64
CA GLY A 486 -10.66 -12.09 21.36
C GLY A 486 -9.45 -11.16 21.36
N VAL A 487 -8.25 -11.74 21.50
CA VAL A 487 -7.02 -10.96 21.59
C VAL A 487 -5.99 -11.46 20.60
N PRO A 488 -5.21 -10.54 19.99
CA PRO A 488 -4.09 -11.01 19.22
C PRO A 488 -2.98 -11.47 20.14
N ILE A 489 -2.29 -12.53 19.74
CA ILE A 489 -1.12 -13.02 20.43
C ILE A 489 0.06 -12.94 19.49
N LEU A 490 1.21 -12.57 20.01
CA LEU A 490 2.45 -12.68 19.26
C LEU A 490 3.33 -13.67 20.00
N ASP A 491 3.38 -14.90 19.48
CA ASP A 491 4.06 -16.01 20.13
C ASP A 491 5.49 -16.10 19.58
N VAL A 492 6.47 -15.80 20.42
CA VAL A 492 7.88 -15.77 20.04
C VAL A 492 8.58 -16.86 20.84
N TYR A 493 9.22 -17.79 20.14
CA TYR A 493 9.93 -18.87 20.80
C TYR A 493 11.04 -19.42 19.96
N ASP A 494 12.00 -20.04 20.64
CA ASP A 494 13.15 -20.67 20.01
C ASP A 494 12.85 -22.14 19.67
N ALA A 495 13.43 -22.62 18.58
CA ALA A 495 13.21 -23.99 18.11
C ALA A 495 14.51 -24.51 17.55
N LYS A 496 14.76 -25.79 17.76
CA LYS A 496 15.94 -26.46 17.20
C LYS A 496 15.59 -27.03 15.81
N SER A 497 14.30 -27.21 15.52
CA SER A 497 13.87 -27.80 14.27
C SER A 497 12.47 -27.30 13.95
N LEU A 498 12.13 -27.16 12.68
CA LEU A 498 10.77 -26.70 12.30
C LEU A 498 10.39 -27.19 10.90
N ASP A 499 10.20 -28.51 10.78
CA ASP A 499 9.82 -29.10 9.48
C ASP A 499 8.35 -28.95 9.25
N HIS A 500 7.56 -28.81 10.32
CA HIS A 500 6.13 -28.57 10.23
C HIS A 500 5.71 -27.38 11.09
N PHE A 501 4.59 -26.78 10.71
CA PHE A 501 4.08 -25.60 11.39
C PHE A 501 2.62 -25.36 11.00
N THR A 502 1.75 -25.18 11.99
CA THR A 502 0.37 -24.81 11.75
C THR A 502 0.26 -23.28 11.81
N LEU A 503 -0.06 -22.67 10.66
CA LEU A 503 -0.28 -21.25 10.57
C LEU A 503 -1.77 -21.00 10.80
N GLU A 504 -2.08 -20.15 11.77
CA GLU A 504 -3.42 -19.99 12.27
C GLU A 504 -4.24 -19.15 11.27
N THR A 505 -5.54 -19.05 11.52
CA THR A 505 -6.47 -18.27 10.72
C THR A 505 -6.03 -16.80 10.48
N GLU A 506 -5.85 -16.46 9.20
CA GLU A 506 -5.43 -15.13 8.76
C GLU A 506 -4.12 -14.66 9.45
N ALA A 507 -3.31 -15.62 9.89
CA ALA A 507 -2.14 -15.33 10.70
C ALA A 507 -0.93 -15.07 9.82
N THR A 508 0.11 -14.58 10.44
CA THR A 508 1.42 -14.45 9.81
C THR A 508 2.47 -15.03 10.73
N CYS A 509 3.48 -15.68 10.15
CA CYS A 509 4.68 -16.00 10.89
C CYS A 509 5.90 -15.42 10.18
N VAL A 510 6.90 -15.07 10.99
CA VAL A 510 8.23 -14.71 10.54
C VAL A 510 9.15 -15.67 11.27
N ILE A 511 9.82 -16.51 10.51
CA ILE A 511 10.76 -17.49 11.00
C ILE A 511 12.16 -16.97 10.72
N CYS A 512 12.99 -16.84 11.75
CA CYS A 512 14.33 -16.32 11.62
C CYS A 512 15.29 -17.46 11.84
N TYR A 513 16.00 -17.86 10.80
CA TYR A 513 17.03 -18.88 10.91
C TYR A 513 18.33 -18.19 11.14
N ASN A 514 19.11 -18.69 12.11
CA ASN A 514 20.50 -18.26 12.32
C ASN A 514 21.47 -19.39 11.91
N PHE A 515 22.40 -19.11 10.99
CA PHE A 515 23.38 -20.10 10.54
C PHE A 515 24.75 -19.76 11.10
N ASP A 516 25.59 -20.79 11.20
CA ASP A 516 26.95 -20.65 11.70
C ASP A 516 27.85 -19.87 10.73
N ARG A 517 27.71 -20.16 9.43
CA ARG A 517 28.44 -19.42 8.36
C ARG A 517 27.48 -18.54 7.54
N LYS A 518 28.04 -17.58 6.81
CA LYS A 518 27.27 -16.71 5.91
C LYS A 518 26.54 -17.56 4.84
N VAL A 519 25.25 -17.30 4.65
CA VAL A 519 24.48 -17.98 3.62
C VAL A 519 25.02 -17.58 2.26
N LYS A 520 25.26 -18.57 1.41
CA LYS A 520 25.82 -18.34 0.06
C LYS A 520 24.67 -18.31 -0.94
N ILE A 521 24.59 -17.19 -1.67
CA ILE A 521 23.61 -16.99 -2.72
C ILE A 521 24.36 -17.06 -4.03
N ASN A 522 24.10 -18.10 -4.81
CA ASN A 522 24.88 -18.38 -6.01
C ASN A 522 24.05 -18.53 -7.28
N GLU A 523 22.72 -18.36 -7.20
CA GLU A 523 21.85 -18.34 -8.37
C GLU A 523 20.89 -17.16 -8.31
N THR A 524 20.28 -16.88 -9.46
CA THR A 524 19.38 -15.77 -9.65
C THR A 524 18.11 -16.20 -10.38
N MET A 525 16.96 -15.91 -9.80
CA MET A 525 15.70 -15.94 -10.53
C MET A 525 15.32 -14.48 -10.77
N GLU A 526 15.23 -14.07 -12.04
CA GLU A 526 14.78 -12.73 -12.39
C GLU A 526 13.31 -12.72 -12.81
N GLU A 527 12.47 -12.02 -12.06
CA GLU A 527 11.07 -11.83 -12.44
C GLU A 527 10.94 -10.64 -13.40
N VAL A 528 10.23 -10.83 -14.50
CA VAL A 528 9.90 -9.76 -15.43
C VAL A 528 8.39 -9.79 -15.72
N LYS A 529 7.74 -8.63 -15.64
CA LYS A 529 6.29 -8.53 -15.85
C LYS A 529 6.03 -7.95 -17.23
N TYR A 530 5.24 -8.64 -18.03
CA TYR A 530 4.93 -8.20 -19.37
C TYR A 530 3.47 -7.76 -19.42
N TYR A 531 3.19 -6.74 -20.24
CA TYR A 531 1.84 -6.21 -20.39
C TYR A 531 1.26 -6.49 -21.78
N ALA A 532 -0.07 -6.52 -21.87
CA ALA A 532 -0.74 -6.72 -23.14
C ALA A 532 -0.85 -5.43 -23.93
N THR A 533 -1.16 -5.60 -25.22
CA THR A 533 -1.41 -4.47 -26.11
C THR A 533 -2.74 -3.77 -25.80
N ASP A 534 -3.69 -4.51 -25.24
CA ASP A 534 -5.03 -3.99 -24.99
C ASP A 534 -5.54 -4.52 -23.66
N TYR A 535 -6.68 -3.98 -23.22
CA TYR A 535 -7.31 -4.33 -21.94
C TYR A 535 -8.84 -4.13 -21.99
N LEU A 536 -9.52 -4.53 -20.91
CA LEU A 536 -10.94 -4.18 -20.63
C LEU A 536 -11.90 -4.57 -21.77
N LYS A 537 -12.18 -5.88 -21.87
CA LYS A 537 -12.96 -6.45 -22.96
C LYS A 537 -14.20 -7.08 -22.40
N GLU A 538 -15.33 -6.80 -23.05
CA GLU A 538 -16.63 -7.35 -22.67
C GLU A 538 -16.62 -8.84 -22.95
N ILE A 539 -17.24 -9.62 -22.09
CA ILE A 539 -17.37 -11.06 -22.27
C ILE A 539 -18.74 -11.38 -22.87
N ALA A 540 -18.75 -12.14 -23.97
CA ALA A 540 -19.97 -12.72 -24.56
C ALA A 540 -19.74 -14.20 -24.69
N ALA A 541 -20.75 -15.01 -24.32
CA ALA A 541 -20.61 -16.47 -24.31
C ALA A 541 -20.17 -17.00 -25.67
N GLY A 542 -19.22 -17.93 -25.67
CA GLY A 542 -18.71 -18.52 -26.90
C GLY A 542 -17.78 -17.67 -27.75
N LYS A 543 -17.59 -16.39 -27.43
CA LYS A 543 -16.79 -15.46 -28.26
C LYS A 543 -15.36 -15.34 -27.72
N GLU A 544 -14.37 -15.72 -28.52
CA GLU A 544 -12.96 -15.59 -28.14
C GLU A 544 -12.57 -14.14 -27.88
N LEU A 545 -11.96 -13.90 -26.72
CA LEU A 545 -11.24 -12.65 -26.45
C LEU A 545 -9.76 -13.01 -26.57
N VAL A 546 -9.04 -12.28 -27.41
CA VAL A 546 -7.62 -12.55 -27.70
C VAL A 546 -6.80 -11.38 -27.19
N PHE A 547 -5.77 -11.69 -26.38
CA PHE A 547 -4.81 -10.72 -25.88
C PHE A 547 -3.44 -11.11 -26.43
N ASN A 548 -2.59 -10.11 -26.60
CA ASN A 548 -1.27 -10.25 -27.23
C ASN A 548 -0.24 -9.71 -26.29
N ILE A 549 0.73 -10.54 -25.88
CA ILE A 549 1.87 -10.10 -25.05
C ILE A 549 3.17 -10.40 -25.78
N ASN A 550 3.89 -9.34 -26.15
CA ASN A 550 5.00 -9.38 -27.10
C ASN A 550 6.35 -8.93 -26.53
N ASN A 551 7.41 -9.28 -27.26
CA ASN A 551 8.81 -8.99 -26.88
C ASN A 551 9.21 -9.64 -25.53
N VAL A 552 8.67 -10.82 -25.28
CA VAL A 552 8.99 -11.60 -24.12
C VAL A 552 10.38 -12.20 -24.30
N LYS A 553 11.22 -12.05 -23.28
CA LYS A 553 12.55 -12.62 -23.26
C LYS A 553 12.62 -13.83 -22.32
N LYS A 554 13.13 -14.92 -22.89
CA LYS A 554 13.20 -16.21 -22.22
C LYS A 554 14.66 -16.63 -22.04
N THR A 555 14.85 -17.57 -21.13
CA THR A 555 16.13 -18.20 -20.92
C THR A 555 15.84 -19.70 -20.97
N GLU A 556 16.86 -20.50 -20.80
CA GLU A 556 16.72 -21.94 -20.95
C GLU A 556 15.84 -22.51 -19.85
N TYR A 557 16.01 -22.05 -18.62
CA TYR A 557 15.18 -22.51 -17.53
C TYR A 557 14.39 -21.36 -16.93
N GLY A 558 13.10 -21.59 -16.72
CA GLY A 558 12.22 -20.59 -16.19
C GLY A 558 10.84 -21.14 -15.91
N GLU A 559 10.01 -20.30 -15.31
CA GLU A 559 8.60 -20.58 -15.07
C GLU A 559 7.81 -19.33 -15.42
N ALA A 560 6.48 -19.44 -15.38
CA ALA A 560 5.66 -18.31 -15.75
C ALA A 560 4.25 -18.43 -15.21
N VAL A 561 3.62 -17.26 -15.10
CA VAL A 561 2.28 -17.13 -14.56
C VAL A 561 1.53 -16.09 -15.41
N ILE A 562 0.30 -16.44 -15.82
CA ILE A 562 -0.59 -15.53 -16.51
C ILE A 562 -1.62 -15.02 -15.53
N ARG A 563 -1.88 -13.73 -15.62
CA ARG A 563 -2.66 -13.00 -14.64
C ARG A 563 -3.94 -12.53 -15.32
N LEU A 564 -5.05 -13.23 -15.07
CA LEU A 564 -6.35 -12.90 -15.69
C LEU A 564 -7.16 -12.03 -14.78
N GLY A 565 -7.20 -10.74 -15.07
CA GLY A 565 -8.08 -9.82 -14.36
C GLY A 565 -9.53 -9.98 -14.83
N LEU A 566 -10.39 -10.51 -13.97
CA LEU A 566 -11.81 -10.73 -14.28
C LEU A 566 -12.74 -9.97 -13.34
N GLY A 567 -13.65 -9.17 -13.92
CA GLY A 567 -14.69 -8.47 -13.18
C GLY A 567 -16.08 -8.91 -13.64
N ARG A 568 -16.71 -9.83 -12.89
CA ARG A 568 -18.00 -10.40 -13.27
C ARG A 568 -18.94 -10.55 -12.08
N ASN A 569 -20.25 -10.46 -12.36
CA ASN A 569 -21.27 -10.77 -11.33
C ASN A 569 -21.12 -12.20 -10.86
N HIS A 570 -21.55 -12.45 -9.63
CA HIS A 570 -21.57 -13.80 -9.07
C HIS A 570 -22.57 -14.65 -9.85
N GLY A 571 -22.32 -15.96 -9.88
CA GLY A 571 -23.05 -16.85 -10.78
C GLY A 571 -22.29 -17.08 -12.08
N LEU A 572 -21.65 -16.03 -12.61
CA LEU A 572 -20.87 -16.14 -13.84
C LEU A 572 -19.54 -16.92 -13.65
N SER A 573 -19.06 -17.53 -14.74
CA SER A 573 -17.90 -18.43 -14.71
C SER A 573 -16.55 -17.69 -14.54
N LEU A 574 -15.69 -18.28 -13.72
CA LEU A 574 -14.32 -17.86 -13.53
C LEU A 574 -13.36 -18.94 -14.02
N LEU A 575 -13.83 -19.81 -14.91
CA LEU A 575 -13.03 -20.89 -15.52
C LEU A 575 -13.24 -20.89 -17.03
N PRO A 576 -12.74 -19.86 -17.74
CA PRO A 576 -12.83 -19.88 -19.21
C PRO A 576 -11.93 -20.95 -19.83
N GLU A 577 -12.17 -21.30 -21.10
CA GLU A 577 -11.21 -22.09 -21.85
C GLU A 577 -10.04 -21.15 -22.13
N LEU A 578 -8.82 -21.59 -21.82
CA LEU A 578 -7.63 -20.76 -22.02
C LEU A 578 -6.72 -21.43 -23.01
N LEU A 579 -6.38 -20.68 -24.05
CA LEU A 579 -5.41 -21.09 -25.08
C LEU A 579 -4.26 -20.11 -25.13
N VAL A 580 -3.05 -20.62 -24.96
CA VAL A 580 -1.86 -19.82 -25.06
C VAL A 580 -1.07 -20.29 -26.26
N ASN A 581 -0.90 -19.43 -27.26
CA ASN A 581 -0.30 -19.81 -28.53
C ASN A 581 -0.91 -21.12 -29.08
N GLY A 582 -2.23 -21.23 -28.99
CA GLY A 582 -2.97 -22.38 -29.51
C GLY A 582 -2.93 -23.64 -28.68
N LYS A 583 -2.25 -23.61 -27.54
CA LYS A 583 -2.12 -24.75 -26.64
C LYS A 583 -3.01 -24.52 -25.43
N LYS A 584 -3.56 -25.61 -24.90
CA LYS A 584 -4.57 -25.57 -23.85
C LYS A 584 -3.86 -25.44 -22.50
N VAL A 585 -4.33 -24.52 -21.65
CA VAL A 585 -3.77 -24.36 -20.31
C VAL A 585 -4.91 -24.42 -19.30
N ASP A 586 -4.73 -25.26 -18.29
CA ASP A 586 -5.71 -25.43 -17.26
C ASP A 586 -5.71 -24.27 -16.28
N ILE A 587 -6.93 -23.89 -15.87
CA ILE A 587 -7.13 -22.88 -14.87
C ILE A 587 -7.43 -23.63 -13.55
N PRO A 588 -6.76 -23.25 -12.44
CA PRO A 588 -7.05 -23.94 -11.18
C PRO A 588 -8.34 -23.45 -10.52
N ASP A 589 -8.95 -24.33 -9.72
CA ASP A 589 -10.16 -24.01 -8.96
C ASP A 589 -9.89 -22.89 -7.96
N ASN A 590 -8.84 -23.11 -7.15
CA ASN A 590 -8.40 -22.18 -6.13
C ASN A 590 -7.48 -21.06 -6.67
N PHE A 591 -7.85 -19.83 -6.32
CA PHE A 591 -7.06 -18.63 -6.61
C PHE A 591 -6.77 -17.92 -5.29
N ARG A 592 -6.00 -16.84 -5.39
CA ARG A 592 -5.46 -16.13 -4.23
C ARG A 592 -6.57 -15.37 -3.48
N GLY A 593 -6.81 -15.77 -2.24
CA GLY A 593 -7.78 -15.10 -1.39
C GLY A 593 -9.16 -15.69 -1.58
N ASP A 594 -10.17 -14.95 -1.13
CA ASP A 594 -11.53 -15.48 -0.94
C ASP A 594 -12.42 -15.34 -2.18
N VAL A 595 -13.55 -16.05 -2.16
CA VAL A 595 -14.49 -16.06 -3.30
C VAL A 595 -15.30 -14.77 -3.44
N GLN A 596 -15.14 -13.84 -2.48
CA GLN A 596 -15.77 -12.52 -2.50
C GLN A 596 -17.30 -12.57 -2.35
N LYS A 597 -17.80 -13.51 -1.55
CA LYS A 597 -19.24 -13.77 -1.37
C LYS A 597 -20.04 -12.53 -0.99
N ASP A 598 -19.57 -11.79 0.02
CA ASP A 598 -20.28 -10.59 0.50
C ASP A 598 -20.15 -9.35 -0.39
N ARG A 599 -19.13 -9.33 -1.25
CA ARG A 599 -18.99 -8.25 -2.22
C ARG A 599 -20.10 -8.33 -3.26
N ALA A 600 -20.40 -7.19 -3.89
CA ALA A 600 -21.49 -7.08 -4.87
C ALA A 600 -21.24 -7.90 -6.16
N SER A 601 -19.98 -7.98 -6.58
CA SER A 601 -19.56 -8.80 -7.72
C SER A 601 -18.13 -9.26 -7.52
N PHE A 602 -17.68 -10.20 -8.35
CA PHE A 602 -16.28 -10.63 -8.30
C PHE A 602 -15.40 -9.69 -9.11
N PHE A 603 -14.32 -9.20 -8.48
CA PHE A 603 -13.24 -8.51 -9.18
C PHE A 603 -11.91 -8.98 -8.61
N GLY A 604 -11.13 -9.68 -9.42
CA GLY A 604 -9.86 -10.27 -8.96
C GLY A 604 -9.03 -10.85 -10.09
N VAL A 605 -7.75 -11.05 -9.81
CA VAL A 605 -6.83 -11.67 -10.75
C VAL A 605 -6.70 -13.14 -10.38
N ILE A 606 -7.00 -14.01 -11.35
CA ILE A 606 -6.83 -15.44 -11.21
C ILE A 606 -5.44 -15.67 -11.75
N GLU A 607 -4.54 -16.16 -10.90
CA GLU A 607 -3.16 -16.40 -11.32
C GLU A 607 -3.04 -17.81 -11.92
N VAL A 608 -2.57 -17.92 -13.17
CA VAL A 608 -2.52 -19.21 -13.85
C VAL A 608 -1.07 -19.63 -14.18
N PRO A 609 -0.55 -20.69 -13.52
CA PRO A 609 0.74 -21.22 -13.96
C PRO A 609 0.67 -21.72 -15.39
N VAL A 610 1.72 -21.48 -16.17
CA VAL A 610 1.75 -21.94 -17.54
C VAL A 610 3.11 -22.56 -17.85
N ASP A 611 3.05 -23.68 -18.57
CA ASP A 611 4.22 -24.42 -19.07
C ASP A 611 5.14 -23.46 -19.86
N TYR A 612 6.31 -23.21 -19.31
CA TYR A 612 7.27 -22.26 -19.87
C TYR A 612 7.66 -22.58 -21.32
N SER A 613 7.72 -23.87 -21.66
CA SER A 613 8.00 -24.35 -23.02
C SER A 613 7.00 -23.86 -24.07
N ILE A 614 5.79 -23.51 -23.66
CA ILE A 614 4.74 -22.98 -24.57
C ILE A 614 4.93 -21.52 -24.95
N LEU A 615 5.67 -20.77 -24.14
CA LEU A 615 5.80 -19.34 -24.39
C LEU A 615 6.86 -19.07 -25.45
N LYS A 616 6.74 -17.93 -26.12
CA LYS A 616 7.73 -17.49 -27.11
C LYS A 616 7.85 -15.96 -27.08
N GLY A 617 8.36 -15.33 -28.13
CA GLY A 617 8.56 -13.88 -28.11
C GLY A 617 7.26 -13.10 -28.14
N ASN A 618 6.40 -13.45 -29.09
CA ASN A 618 5.06 -12.91 -29.18
C ASN A 618 4.09 -14.01 -28.83
N ASN A 619 3.14 -13.69 -27.96
CA ASN A 619 2.28 -14.68 -27.37
C ASN A 619 0.82 -14.30 -27.54
N THR A 620 0.01 -15.31 -27.82
CA THR A 620 -1.43 -15.16 -28.04
C THR A 620 -2.10 -15.80 -26.83
N ILE A 621 -2.82 -15.00 -26.05
CA ILE A 621 -3.63 -15.50 -24.91
C ILE A 621 -5.10 -15.39 -25.31
N SER A 622 -5.79 -16.52 -25.36
CA SER A 622 -7.16 -16.56 -25.86
C SER A 622 -8.10 -17.08 -24.78
N LEU A 623 -9.15 -16.31 -24.49
CA LEU A 623 -10.16 -16.65 -23.47
C LEU A 623 -11.55 -16.85 -24.08
N LYS A 624 -12.21 -17.94 -23.70
CA LYS A 624 -13.60 -18.23 -24.08
C LYS A 624 -14.41 -18.64 -22.87
N PHE A 625 -15.40 -17.82 -22.51
CA PHE A 625 -16.30 -18.14 -21.40
C PHE A 625 -17.60 -18.75 -21.96
N PRO A 626 -18.30 -19.56 -21.16
CA PRO A 626 -19.62 -20.11 -21.57
C PRO A 626 -20.88 -19.24 -21.31
N ASP A 627 -20.74 -18.03 -20.80
CA ASP A 627 -21.89 -17.19 -20.40
C ASP A 627 -21.61 -15.72 -20.67
N ASN A 628 -22.65 -14.89 -20.56
CA ASN A 628 -22.59 -13.48 -20.92
C ASN A 628 -22.33 -12.58 -19.73
N GLY A 629 -21.79 -11.40 -19.99
CA GLY A 629 -21.65 -10.33 -19.00
C GLY A 629 -20.27 -10.22 -18.35
N GLY A 630 -19.97 -9.03 -17.83
CA GLY A 630 -18.71 -8.75 -17.20
C GLY A 630 -17.59 -8.50 -18.19
N HIS A 631 -16.38 -8.33 -17.64
CA HIS A 631 -15.19 -7.97 -18.40
C HIS A 631 -13.95 -8.75 -17.99
N VAL A 632 -13.06 -8.93 -18.95
CA VAL A 632 -11.68 -9.25 -18.68
C VAL A 632 -11.02 -7.89 -18.59
N SER A 633 -10.62 -7.50 -17.38
CA SER A 633 -10.02 -6.17 -17.17
C SER A 633 -8.60 -6.08 -17.69
N THR A 634 -7.76 -7.07 -17.33
CA THR A 634 -6.36 -7.13 -17.75
C THR A 634 -5.89 -8.53 -17.98
N VAL A 635 -4.99 -8.70 -18.94
CA VAL A 635 -4.18 -9.91 -19.07
C VAL A 635 -2.73 -9.47 -19.01
N THR A 636 -2.00 -9.92 -17.99
CA THR A 636 -0.56 -9.65 -17.87
C THR A 636 0.14 -10.95 -17.59
N MET A 637 1.47 -10.93 -17.63
CA MET A 637 2.23 -12.16 -17.44
C MET A 637 3.53 -11.94 -16.65
N GLN A 638 3.78 -12.81 -15.68
CA GLN A 638 5.05 -12.84 -14.97
C GLN A 638 5.91 -13.97 -15.55
N ILE A 639 7.11 -13.62 -15.98
CA ILE A 639 8.12 -14.54 -16.48
C ILE A 639 9.20 -14.61 -15.40
N PHE A 640 9.64 -15.83 -15.07
CA PHE A 640 10.70 -16.02 -14.09
C PHE A 640 11.83 -16.74 -14.78
N ASN A 641 12.91 -16.00 -14.99
CA ASN A 641 14.10 -16.53 -15.67
C ASN A 641 15.21 -16.93 -14.68
N PHE A 642 15.60 -18.21 -14.73
CA PHE A 642 16.61 -18.77 -13.82
C PHE A 642 17.99 -18.73 -14.43
N SER A 643 18.99 -18.51 -13.59
CA SER A 643 20.39 -18.50 -14.02
C SER A 643 20.91 -19.91 -14.27
N ASN A 644 20.20 -20.92 -13.75
CA ASN A 644 20.54 -22.32 -13.85
C ASN A 644 19.31 -23.17 -13.76
N ASN A 645 19.51 -24.47 -13.93
CA ASN A 645 18.46 -25.44 -13.69
C ASN A 645 18.20 -25.63 -12.20
N ILE A 646 17.62 -24.63 -11.54
CA ILE A 646 17.43 -24.67 -10.08
C ILE A 646 16.37 -25.67 -9.65
N ARG A 647 15.41 -25.95 -10.53
CA ARG A 647 14.41 -26.99 -10.25
C ARG A 647 14.93 -28.42 -10.45
N GLY A 648 16.03 -28.60 -11.18
CA GLY A 648 16.55 -29.92 -11.55
C GLY A 648 15.62 -30.74 -12.44
N ILE A 649 15.17 -30.17 -13.56
CA ILE A 649 14.25 -30.87 -14.51
C ILE A 649 14.97 -31.43 -15.75
CA CA B . -12.49 4.35 -8.23
CA CA C . -8.64 -19.03 -2.44
CA CA D . 7.75 -16.85 -5.12
C1 GOL E . -9.79 7.97 5.58
O1 GOL E . -8.98 7.15 4.75
C2 GOL E . -11.20 7.39 5.77
O2 GOL E . -11.34 7.17 7.17
C3 GOL E . -12.34 8.32 5.26
O3 GOL E . -13.13 7.68 4.24
C1 EDO F . 5.98 18.67 8.98
O1 EDO F . 5.80 18.64 10.41
C2 EDO F . 4.68 18.88 8.23
O2 EDO F . 4.75 20.01 7.34
C1 EDO G . -4.84 11.46 7.63
O1 EDO G . -6.08 11.58 8.33
C2 EDO G . -4.82 12.31 6.37
O2 EDO G . -5.11 13.68 6.72
C1 EDO H . 10.48 5.70 0.28
O1 EDO H . 11.67 5.37 -0.44
C2 EDO H . 10.63 5.30 1.75
O2 EDO H . 11.28 6.33 2.49
C1 EDO I . 13.57 7.69 5.21
O1 EDO I . 12.43 7.35 6.03
C2 EDO I . 14.87 6.97 5.53
O2 EDO I . 15.44 6.51 4.29
C1 EDO J . -0.05 18.48 23.35
O1 EDO J . -1.12 17.93 22.56
C2 EDO J . 0.71 17.40 24.11
O2 EDO J . 0.70 16.20 23.35
C1 EDO K . -12.11 8.06 -4.26
O1 EDO K . -12.51 6.86 -3.59
C2 EDO K . -11.98 9.26 -3.33
O2 EDO K . -10.89 10.09 -3.59
#